data_1NVJ
#
_entry.id   1NVJ
#
_cell.length_a   104.128
_cell.length_b   127.832
_cell.length_c   138.118
_cell.angle_alpha   90.00
_cell.angle_beta   90.00
_cell.angle_gamma   90.00
#
_symmetry.space_group_name_H-M   'C 2 2 21'
#
loop_
_entity.id
_entity.type
_entity.pdbx_description
1 polymer 'Molybdopterin converting factor subunit 2'
2 non-polymer GLYCEROL
3 non-polymer 'FORMIC ACID'
4 non-polymer 'SODIUM ION'
5 water water
#
_entity_poly.entity_id   1
_entity_poly.type   'polypeptide(L)'
_entity_poly.pdbx_seq_one_letter_code
;MAETKIVVGPQPFSVGEEYPWLAERDEDGAVVTFTGKVRNHNLGDSVNALTLEHYPGMTEKALAEIVDEARNRWPLGRVT
VIHRIGELWPGDEIVFVGVTSAHRSSAFEAGQFIMDYLKTRAPFWKREATPEGDRWVEAR
;
_entity_poly.pdbx_strand_id   A,B,C,D,E,F
#
# COMPACT_ATOMS: atom_id res chain seq x y z
N ALA A 2 -2.30 -10.85 1.95
CA ALA A 2 -3.00 -10.40 0.71
C ALA A 2 -3.00 -11.55 -0.31
N GLU A 3 -3.80 -11.40 -1.36
CA GLU A 3 -4.02 -12.51 -2.27
C GLU A 3 -2.99 -12.54 -3.38
N THR A 4 -2.74 -13.76 -3.84
CA THR A 4 -1.84 -14.01 -4.93
C THR A 4 -2.58 -14.76 -6.06
N LYS A 5 -2.56 -14.19 -7.26
CA LYS A 5 -3.14 -14.82 -8.44
C LYS A 5 -2.02 -15.38 -9.32
N ILE A 6 -2.05 -16.70 -9.52
CA ILE A 6 -1.11 -17.44 -10.34
C ILE A 6 -1.86 -18.19 -11.46
N VAL A 7 -1.56 -17.88 -12.72
CA VAL A 7 -2.18 -18.52 -13.88
C VAL A 7 -1.13 -18.95 -14.89
N VAL A 8 -1.27 -20.18 -15.37
CA VAL A 8 -0.46 -20.70 -16.47
C VAL A 8 -1.39 -21.35 -17.48
N GLY A 9 -1.27 -20.96 -18.74
CA GLY A 9 -2.11 -21.50 -19.77
C GLY A 9 -1.77 -20.85 -21.10
N PRO A 10 -2.25 -21.43 -22.20
CA PRO A 10 -2.01 -20.89 -23.54
C PRO A 10 -2.73 -19.61 -23.89
N GLN A 11 -3.81 -19.28 -23.19
CA GLN A 11 -4.69 -18.16 -23.59
C GLN A 11 -4.00 -16.79 -23.50
N PRO A 12 -4.30 -15.85 -24.39
CA PRO A 12 -3.80 -14.46 -24.22
C PRO A 12 -4.25 -13.85 -22.89
N PHE A 13 -3.41 -13.01 -22.29
CA PHE A 13 -3.88 -12.18 -21.20
C PHE A 13 -3.96 -10.73 -21.67
N SER A 14 -4.70 -9.93 -20.90
CA SER A 14 -4.81 -8.51 -21.13
C SER A 14 -4.45 -7.79 -19.85
N VAL A 15 -3.43 -6.93 -19.94
CA VAL A 15 -2.94 -6.19 -18.78
C VAL A 15 -4.04 -5.29 -18.27
N GLY A 16 -4.79 -4.68 -19.19
CA GLY A 16 -5.91 -3.83 -18.82
C GLY A 16 -7.01 -4.54 -18.04
N GLU A 17 -7.19 -5.83 -18.28
CA GLU A 17 -8.13 -6.66 -17.52
C GLU A 17 -7.55 -7.15 -16.17
N GLU A 18 -6.24 -7.32 -16.09
CA GLU A 18 -5.63 -7.83 -14.86
C GLU A 18 -5.40 -6.73 -13.83
N TYR A 19 -5.25 -5.50 -14.33
CA TYR A 19 -4.76 -4.40 -13.54
C TYR A 19 -5.75 -3.96 -12.45
N PRO A 20 -7.05 -3.81 -12.74
CA PRO A 20 -7.98 -3.37 -11.69
C PRO A 20 -8.00 -4.25 -10.43
N TRP A 21 -7.84 -5.57 -10.58
CA TRP A 21 -7.79 -6.48 -9.44
C TRP A 21 -6.52 -6.24 -8.65
N LEU A 22 -5.41 -6.25 -9.36
CA LEU A 22 -4.12 -5.95 -8.77
C LEU A 22 -4.16 -4.66 -7.98
N ALA A 23 -4.85 -3.66 -8.49
CA ALA A 23 -4.80 -2.33 -7.90
C ALA A 23 -5.99 -1.92 -7.02
N GLU A 24 -6.85 -2.87 -6.63
CA GLU A 24 -8.09 -2.55 -5.93
C GLU A 24 -7.90 -1.96 -4.54
N ARG A 25 -7.00 -2.52 -3.76
CA ARG A 25 -6.90 -2.12 -2.37
C ARG A 25 -6.21 -0.76 -2.13
N ASP A 26 -6.85 0.10 -1.36
CA ASP A 26 -6.29 1.41 -1.01
C ASP A 26 -4.92 1.34 -0.34
N GLU A 27 -4.71 0.36 0.53
CA GLU A 27 -3.42 0.16 1.16
C GLU A 27 -2.32 -0.22 0.16
N ASP A 28 -2.72 -0.68 -1.02
CA ASP A 28 -1.78 -1.07 -2.08
C ASP A 28 -1.54 0.14 -3.00
N GLY A 29 -0.80 1.12 -2.49
CA GLY A 29 -0.73 2.43 -3.13
C GLY A 29 0.35 2.56 -4.19
N ALA A 30 1.14 1.51 -4.37
CA ALA A 30 2.19 1.47 -5.36
C ALA A 30 2.08 0.18 -6.12
N VAL A 31 1.90 0.28 -7.43
CA VAL A 31 1.59 -0.85 -8.28
C VAL A 31 2.64 -0.88 -9.39
N VAL A 32 3.44 -1.94 -9.42
CA VAL A 32 4.43 -2.14 -10.48
C VAL A 32 4.02 -3.30 -11.35
N THR A 33 4.09 -3.14 -12.66
CA THR A 33 3.96 -4.29 -13.53
C THR A 33 5.14 -4.45 -14.46
N PHE A 34 5.39 -5.71 -14.81
CA PHE A 34 6.28 -6.05 -15.88
C PHE A 34 5.57 -6.97 -16.86
N THR A 35 5.76 -6.73 -18.15
CA THR A 35 5.29 -7.61 -19.19
C THR A 35 6.45 -7.98 -20.10
N GLY A 36 6.73 -9.28 -20.27
CA GLY A 36 7.76 -9.74 -21.18
C GLY A 36 7.14 -10.26 -22.47
N LYS A 37 7.74 -9.89 -23.60
CA LYS A 37 7.26 -10.32 -24.91
C LYS A 37 8.30 -11.22 -25.55
N VAL A 38 7.85 -11.97 -26.55
CA VAL A 38 8.72 -12.78 -27.37
C VAL A 38 9.58 -11.81 -28.19
N ARG A 39 10.89 -11.94 -28.07
CA ARG A 39 11.84 -10.94 -28.59
C ARG A 39 12.25 -11.24 -30.03
N ASN A 48 10.53 -18.29 -36.28
CA ASN A 48 9.19 -18.85 -36.44
C ASN A 48 8.47 -19.04 -35.09
N ALA A 49 7.84 -20.22 -34.90
CA ALA A 49 6.92 -20.44 -33.79
C ALA A 49 7.61 -21.11 -32.61
N LEU A 50 7.96 -20.28 -31.62
CA LEU A 50 8.45 -20.74 -30.34
C LEU A 50 7.33 -21.54 -29.67
N THR A 51 7.61 -22.76 -29.24
CA THR A 51 6.64 -23.50 -28.42
C THR A 51 7.19 -23.65 -27.02
N LEU A 52 6.46 -23.09 -26.05
CA LEU A 52 6.88 -23.09 -24.65
C LEU A 52 6.11 -24.15 -23.87
N GLU A 53 6.84 -24.94 -23.10
CA GLU A 53 6.27 -26.04 -22.33
C GLU A 53 6.55 -25.80 -20.85
N HIS A 54 5.84 -26.53 -20.01
CA HIS A 54 5.98 -26.43 -18.57
C HIS A 54 5.74 -27.80 -17.91
N TYR A 55 5.95 -27.81 -16.61
CA TYR A 55 5.73 -28.99 -15.78
C TYR A 55 4.38 -28.85 -15.04
N PRO A 56 3.31 -29.45 -15.57
CA PRO A 56 1.97 -29.23 -15.02
C PRO A 56 1.99 -29.47 -13.53
N GLY A 57 1.49 -28.52 -12.75
CA GLY A 57 1.43 -28.66 -11.31
C GLY A 57 2.65 -28.09 -10.64
N MET A 58 3.81 -28.63 -10.96
CA MET A 58 5.05 -28.22 -10.31
C MET A 58 5.43 -26.79 -10.63
N THR A 59 5.12 -26.29 -11.82
CA THR A 59 5.54 -24.90 -12.10
C THR A 59 4.64 -23.89 -11.40
N GLU A 60 3.34 -24.17 -11.31
CA GLU A 60 2.43 -23.34 -10.55
C GLU A 60 2.87 -23.31 -9.10
N LYS A 61 3.24 -24.47 -8.57
CA LYS A 61 3.73 -24.56 -7.20
C LYS A 61 5.01 -23.72 -7.05
N ALA A 62 5.88 -23.78 -8.04
CA ALA A 62 7.14 -23.04 -8.01
C ALA A 62 6.89 -21.52 -8.06
N LEU A 63 5.95 -21.07 -8.90
CA LEU A 63 5.57 -19.65 -8.91
C LEU A 63 5.04 -19.21 -7.55
N ALA A 64 4.20 -20.03 -6.94
CA ALA A 64 3.63 -19.74 -5.62
C ALA A 64 4.73 -19.62 -4.59
N GLU A 65 5.74 -20.48 -4.71
CA GLU A 65 6.85 -20.48 -3.78
C GLU A 65 7.71 -19.23 -3.94
N ILE A 66 7.98 -18.80 -5.18
CA ILE A 66 8.81 -17.62 -5.45
C ILE A 66 8.10 -16.34 -4.95
N VAL A 67 6.77 -16.27 -5.05
CA VAL A 67 6.01 -15.13 -4.55
C VAL A 67 6.04 -15.11 -3.00
N ASP A 68 5.94 -16.28 -2.39
CA ASP A 68 5.94 -16.40 -0.93
C ASP A 68 7.28 -15.93 -0.38
N GLU A 69 8.36 -16.30 -1.04
CA GLU A 69 9.70 -15.81 -0.70
C GLU A 69 9.77 -14.28 -0.85
N ALA A 70 9.17 -13.74 -1.93
CA ALA A 70 9.09 -12.29 -2.08
C ALA A 70 8.37 -11.65 -0.89
N ARG A 71 7.28 -12.27 -0.43
CA ARG A 71 6.50 -11.72 0.69
C ARG A 71 7.29 -11.73 2.00
N ASN A 72 8.23 -12.67 2.13
CA ASN A 72 9.12 -12.74 3.28
C ASN A 72 10.10 -11.59 3.33
N ARG A 73 10.47 -11.06 2.16
CA ARG A 73 11.49 -10.02 2.05
C ARG A 73 10.95 -8.63 1.95
N TRP A 74 9.76 -8.47 1.40
CA TRP A 74 9.20 -7.14 1.16
C TRP A 74 7.73 -7.13 1.56
N PRO A 75 7.22 -6.02 2.09
CA PRO A 75 5.81 -5.89 2.47
C PRO A 75 4.91 -5.66 1.23
N LEU A 76 4.36 -6.75 0.73
CA LEU A 76 3.57 -6.71 -0.49
C LEU A 76 2.09 -6.83 -0.18
N GLY A 77 1.28 -6.31 -1.10
CA GLY A 77 -0.17 -6.55 -1.08
C GLY A 77 -0.52 -7.58 -2.13
N ARG A 78 -1.44 -7.24 -3.02
CA ARG A 78 -1.81 -8.19 -4.05
C ARG A 78 -0.66 -8.41 -5.00
N VAL A 79 -0.61 -9.61 -5.54
CA VAL A 79 0.38 -10.00 -6.53
C VAL A 79 -0.25 -10.93 -7.59
N THR A 80 0.11 -10.72 -8.84
CA THR A 80 -0.34 -11.51 -9.98
C THR A 80 0.85 -11.95 -10.79
N VAL A 81 0.97 -13.24 -11.02
CA VAL A 81 1.93 -13.79 -11.96
C VAL A 81 1.19 -14.65 -12.95
N ILE A 82 1.34 -14.33 -14.23
CA ILE A 82 0.77 -15.09 -15.34
C ILE A 82 1.85 -15.40 -16.36
N HIS A 83 1.88 -16.66 -16.80
CA HIS A 83 2.79 -17.07 -17.82
C HIS A 83 2.05 -17.90 -18.86
N ARG A 84 2.32 -17.62 -20.12
CA ARG A 84 1.69 -18.34 -21.19
C ARG A 84 2.55 -19.52 -21.55
N ILE A 85 1.90 -20.54 -22.10
CA ILE A 85 2.59 -21.69 -22.71
C ILE A 85 1.97 -21.89 -24.09
N GLY A 86 2.47 -22.89 -24.82
CA GLY A 86 1.99 -23.21 -26.14
C GLY A 86 2.71 -22.41 -27.21
N GLU A 87 2.07 -22.36 -28.38
CA GLU A 87 2.60 -21.68 -29.56
C GLU A 87 2.61 -20.18 -29.37
N LEU A 88 3.75 -19.55 -29.69
CA LEU A 88 3.93 -18.11 -29.49
C LEU A 88 4.80 -17.44 -30.56
N TRP A 89 4.40 -16.23 -30.93
CA TRP A 89 4.95 -15.53 -32.07
C TRP A 89 5.51 -14.19 -31.65
N PRO A 90 6.45 -13.65 -32.42
CA PRO A 90 7.00 -12.32 -32.13
C PRO A 90 5.91 -11.32 -31.72
N GLY A 91 6.19 -10.58 -30.64
CA GLY A 91 5.31 -9.54 -30.16
C GLY A 91 4.20 -10.00 -29.25
N ASP A 92 4.08 -11.31 -29.07
CA ASP A 92 3.13 -11.89 -28.11
C ASP A 92 3.65 -11.62 -26.71
N GLU A 93 2.75 -11.19 -25.85
CA GLU A 93 3.04 -10.94 -24.45
C GLU A 93 2.93 -12.28 -23.74
N ILE A 94 4.03 -12.75 -23.15
CA ILE A 94 4.10 -14.11 -22.62
C ILE A 94 4.13 -14.19 -21.10
N VAL A 95 4.63 -13.13 -20.45
CA VAL A 95 4.69 -13.09 -19.01
C VAL A 95 4.25 -11.73 -18.45
N PHE A 96 3.44 -11.80 -17.39
CA PHE A 96 2.98 -10.64 -16.66
C PHE A 96 3.24 -10.85 -15.18
N VAL A 97 3.95 -9.91 -14.57
CA VAL A 97 4.15 -9.93 -13.11
C VAL A 97 3.67 -8.61 -12.57
N GLY A 98 2.76 -8.66 -11.62
CA GLY A 98 2.18 -7.46 -11.02
C GLY A 98 2.41 -7.52 -9.54
N VAL A 99 3.03 -6.50 -8.98
CA VAL A 99 3.29 -6.43 -7.54
C VAL A 99 2.83 -5.08 -6.97
N THR A 100 2.25 -5.12 -5.79
CA THR A 100 1.84 -3.93 -5.07
C THR A 100 2.48 -3.85 -3.70
N SER A 101 2.55 -2.63 -3.22
CA SER A 101 2.99 -2.36 -1.85
C SER A 101 2.52 -0.95 -1.54
N ALA A 102 2.62 -0.50 -0.31
CA ALA A 102 2.44 0.91 -0.07
C ALA A 102 3.71 1.69 -0.44
N HIS A 103 4.80 0.95 -0.67
CA HIS A 103 6.11 1.54 -0.85
C HIS A 103 6.75 1.11 -2.14
N ARG A 104 7.16 2.10 -2.92
CA ARG A 104 7.71 1.95 -4.28
C ARG A 104 8.88 0.99 -4.35
N SER A 105 9.89 1.19 -3.51
CA SER A 105 11.09 0.33 -3.65
C SER A 105 10.75 -1.12 -3.36
N SER A 106 9.78 -1.35 -2.46
CA SER A 106 9.34 -2.69 -2.13
C SER A 106 8.74 -3.39 -3.35
N ALA A 107 7.85 -2.71 -4.05
CA ALA A 107 7.21 -3.28 -5.21
C ALA A 107 8.17 -3.45 -6.42
N PHE A 108 9.04 -2.48 -6.67
CA PHE A 108 10.06 -2.62 -7.72
C PHE A 108 11.06 -3.77 -7.43
N GLU A 109 11.58 -3.85 -6.21
CA GLU A 109 12.53 -4.91 -5.91
C GLU A 109 11.87 -6.28 -6.00
N ALA A 110 10.66 -6.40 -5.47
CA ALA A 110 9.96 -7.68 -5.50
C ALA A 110 9.61 -8.07 -6.95
N GLY A 111 9.21 -7.12 -7.78
CA GLY A 111 8.90 -7.42 -9.17
C GLY A 111 10.13 -7.98 -9.86
N GLN A 112 11.27 -7.35 -9.60
CA GLN A 112 12.53 -7.75 -10.22
C GLN A 112 13.03 -9.13 -9.75
N PHE A 113 12.72 -9.44 -8.50
CA PHE A 113 13.15 -10.66 -7.87
C PHE A 113 12.33 -11.79 -8.43
N ILE A 114 11.03 -11.56 -8.60
CA ILE A 114 10.17 -12.58 -9.16
C ILE A 114 10.58 -12.89 -10.60
N MET A 115 10.81 -11.85 -11.40
CA MET A 115 11.23 -12.03 -12.80
C MET A 115 12.57 -12.77 -12.89
N ASP A 116 13.57 -12.36 -12.12
CA ASP A 116 14.88 -13.02 -12.18
C ASP A 116 14.76 -14.53 -11.93
N TYR A 117 14.01 -14.90 -10.91
CA TYR A 117 13.85 -16.31 -10.54
C TYR A 117 12.96 -17.06 -11.52
N LEU A 118 12.14 -16.33 -12.25
CA LEU A 118 11.28 -16.86 -13.30
C LEU A 118 11.96 -17.02 -14.67
N LYS A 119 13.10 -16.36 -14.87
CA LYS A 119 13.85 -16.43 -16.11
C LYS A 119 15.06 -17.35 -15.99
N THR A 120 15.45 -17.68 -14.77
CA THR A 120 16.61 -18.54 -14.55
C THR A 120 16.30 -19.86 -13.83
N ARG A 121 15.18 -19.92 -13.11
CA ARG A 121 14.90 -21.09 -12.28
C ARG A 121 13.57 -21.77 -12.57
N ALA A 122 12.57 -21.03 -13.06
CA ALA A 122 11.24 -21.61 -13.23
C ALA A 122 11.28 -22.65 -14.31
N PRO A 123 10.42 -23.66 -14.20
CA PRO A 123 10.41 -24.73 -15.18
C PRO A 123 9.46 -24.38 -16.32
N PHE A 124 9.95 -23.52 -17.19
CA PHE A 124 9.43 -23.32 -18.53
C PHE A 124 10.62 -23.57 -19.42
N TRP A 125 10.40 -24.14 -20.61
CA TRP A 125 11.49 -24.31 -21.56
C TRP A 125 10.95 -24.33 -22.99
N LYS A 126 11.85 -24.20 -23.97
CA LYS A 126 11.47 -24.31 -25.38
C LYS A 126 11.47 -25.78 -25.78
N ARG A 127 10.46 -26.17 -26.57
CA ARG A 127 10.36 -27.54 -27.11
C ARG A 127 11.45 -27.82 -28.12
N ALA B 2 11.09 6.35 -31.14
CA ALA B 2 10.55 6.07 -29.78
C ALA B 2 9.77 7.29 -29.27
N GLU B 3 8.46 7.13 -29.19
CA GLU B 3 7.57 8.20 -28.83
C GLU B 3 7.50 8.37 -27.29
N THR B 4 7.25 9.60 -26.85
CA THR B 4 6.99 9.91 -25.44
C THR B 4 5.63 10.59 -25.32
N LYS B 5 4.81 10.16 -24.37
CA LYS B 5 3.52 10.80 -24.12
C LYS B 5 3.57 11.41 -22.73
N ILE B 6 3.22 12.69 -22.63
CA ILE B 6 3.21 13.43 -21.37
C ILE B 6 1.89 14.17 -21.26
N VAL B 7 1.14 13.88 -20.18
CA VAL B 7 -0.14 14.53 -19.92
C VAL B 7 -0.30 14.80 -18.43
N VAL B 8 -0.81 15.99 -18.11
CA VAL B 8 -1.12 16.41 -16.75
C VAL B 8 -2.53 17.00 -16.79
N GLY B 9 -3.39 16.54 -15.90
CA GLY B 9 -4.75 17.07 -15.86
C GLY B 9 -5.59 16.53 -14.71
N PRO B 10 -6.75 17.15 -14.46
CA PRO B 10 -7.63 16.74 -13.36
C PRO B 10 -8.43 15.44 -13.50
N GLN B 11 -8.60 14.92 -14.72
CA GLN B 11 -9.46 13.76 -14.99
C GLN B 11 -8.81 12.47 -14.54
N PRO B 12 -9.60 11.49 -14.09
CA PRO B 12 -9.04 10.16 -13.85
C PRO B 12 -8.44 9.63 -15.15
N PHE B 13 -7.30 8.95 -15.06
CA PHE B 13 -6.75 8.18 -16.16
C PHE B 13 -7.12 6.70 -15.97
N SER B 14 -6.92 5.91 -17.01
CA SER B 14 -7.13 4.47 -16.92
C SER B 14 -5.93 3.75 -17.47
N VAL B 15 -5.34 2.85 -16.66
CA VAL B 15 -4.15 2.13 -17.11
C VAL B 15 -4.47 1.26 -18.27
N GLY B 16 -5.70 0.73 -18.30
CA GLY B 16 -6.15 -0.14 -19.37
C GLY B 16 -6.23 0.55 -20.71
N GLU B 17 -6.49 1.86 -20.70
CA GLU B 17 -6.51 2.67 -21.90
C GLU B 17 -5.10 3.13 -22.31
N GLU B 18 -4.17 3.21 -21.37
CA GLU B 18 -2.81 3.66 -21.67
C GLU B 18 -1.87 2.55 -22.08
N TYR B 19 -2.10 1.36 -21.55
CA TYR B 19 -1.14 0.26 -21.70
C TYR B 19 -0.98 -0.21 -23.14
N PRO B 20 -2.06 -0.38 -23.91
CA PRO B 20 -1.95 -0.85 -25.29
C PRO B 20 -1.06 0.01 -26.21
N TRP B 21 -1.13 1.33 -26.12
CA TRP B 21 -0.22 2.16 -26.87
C TRP B 21 1.21 1.93 -26.37
N LEU B 22 1.37 1.81 -25.06
CA LEU B 22 2.70 1.75 -24.48
C LEU B 22 3.41 0.50 -24.97
N ALA B 23 2.66 -0.59 -25.10
CA ALA B 23 3.22 -1.89 -25.36
C ALA B 23 3.08 -2.33 -26.82
N GLU B 24 2.74 -1.39 -27.69
CA GLU B 24 2.38 -1.74 -29.06
C GLU B 24 3.54 -2.29 -29.88
N ARG B 25 4.72 -1.71 -29.76
CA ARG B 25 5.82 -2.00 -30.71
C ARG B 25 6.48 -3.33 -30.39
N ASP B 26 6.70 -4.16 -31.42
CA ASP B 26 7.38 -5.46 -31.22
C ASP B 26 8.81 -5.31 -30.65
N GLU B 27 9.57 -4.32 -31.12
CA GLU B 27 10.91 -4.06 -30.59
C GLU B 27 10.94 -3.66 -29.11
N ASP B 28 9.81 -3.23 -28.58
CA ASP B 28 9.69 -2.97 -27.15
C ASP B 28 9.31 -4.27 -26.41
N GLY B 29 10.30 -5.11 -26.15
CA GLY B 29 10.08 -6.44 -25.59
C GLY B 29 9.81 -6.52 -24.08
N ALA B 30 10.20 -5.46 -23.37
CA ALA B 30 10.06 -5.37 -21.93
C ALA B 30 9.27 -4.12 -21.62
N VAL B 31 8.18 -4.29 -20.85
CA VAL B 31 7.27 -3.19 -20.51
C VAL B 31 7.10 -3.10 -19.00
N VAL B 32 7.47 -1.96 -18.45
CA VAL B 32 7.34 -1.70 -17.00
C VAL B 32 6.37 -0.56 -16.80
N THR B 33 5.40 -0.74 -15.90
CA THR B 33 4.63 0.38 -15.41
C THR B 33 4.68 0.53 -13.89
N PHE B 34 4.47 1.77 -13.46
CA PHE B 34 4.25 2.11 -12.07
C PHE B 34 3.04 2.98 -12.00
N THR B 35 2.15 2.64 -11.09
CA THR B 35 1.02 3.49 -10.75
C THR B 35 1.11 3.87 -9.29
N GLY B 36 1.05 5.15 -9.03
CA GLY B 36 1.13 5.65 -7.66
C GLY B 36 -0.22 6.22 -7.27
N LYS B 37 -0.71 5.85 -6.11
CA LYS B 37 -1.96 6.33 -5.60
C LYS B 37 -1.74 7.16 -4.36
N VAL B 38 -2.72 7.99 -4.03
CA VAL B 38 -2.70 8.71 -2.78
C VAL B 38 -2.69 7.71 -1.63
N ARG B 39 -1.67 7.81 -0.78
CA ARG B 39 -1.52 6.94 0.37
C ARG B 39 -2.29 7.50 1.58
N ASN B 40 -2.74 6.65 2.49
CA ASN B 40 -3.08 7.13 3.84
C ASN B 40 -1.75 7.09 4.60
N HIS B 41 -1.04 8.20 4.46
CA HIS B 41 0.20 8.58 5.14
C HIS B 41 0.59 9.89 4.42
N ASN B 42 0.16 10.01 3.14
CA ASN B 42 0.08 11.29 2.43
C ASN B 42 -0.78 12.31 3.19
N LEU B 43 -1.73 11.82 3.98
CA LEU B 43 -2.51 12.63 4.92
C LEU B 43 -2.05 12.34 6.36
N GLY B 44 -2.22 11.10 6.83
CA GLY B 44 -1.74 10.67 8.15
C GLY B 44 -2.74 10.88 9.28
N ASP B 45 -3.27 12.11 9.39
CA ASP B 45 -4.41 12.43 10.27
C ASP B 45 -5.69 11.69 9.77
N SER B 46 -6.87 12.13 10.20
CA SER B 46 -8.12 11.76 9.52
C SER B 46 -8.16 12.33 8.09
N VAL B 47 -9.22 12.00 7.35
CA VAL B 47 -9.25 12.20 5.91
C VAL B 47 -9.83 13.55 5.45
N ASN B 48 -8.93 14.49 5.18
CA ASN B 48 -9.22 15.61 4.26
C ASN B 48 -8.52 15.34 2.92
N ALA B 49 -8.87 16.13 1.90
CA ALA B 49 -8.36 15.87 0.55
C ALA B 49 -6.94 16.43 0.34
N LEU B 50 -6.16 15.70 -0.44
CA LEU B 50 -4.98 16.27 -1.09
C LEU B 50 -5.39 17.14 -2.26
N THR B 51 -4.98 18.39 -2.29
CA THR B 51 -5.15 19.23 -3.47
C THR B 51 -3.81 19.52 -4.14
N LEU B 52 -3.64 19.04 -5.38
CA LEU B 52 -2.42 19.30 -6.11
C LEU B 52 -2.64 20.31 -7.22
N GLU B 53 -1.75 21.28 -7.31
CA GLU B 53 -1.70 22.20 -8.42
C GLU B 53 -0.39 22.00 -9.17
N HIS B 54 -0.41 22.32 -10.46
CA HIS B 54 0.80 22.30 -11.27
C HIS B 54 1.02 23.68 -11.87
N TYR B 55 2.13 23.86 -12.56
CA TYR B 55 2.43 25.10 -13.30
C TYR B 55 2.27 24.81 -14.81
N PRO B 56 1.15 25.19 -15.41
CA PRO B 56 0.91 24.78 -16.82
C PRO B 56 2.10 25.11 -17.71
N GLY B 57 2.51 24.15 -18.55
CA GLY B 57 3.69 24.33 -19.38
C GLY B 57 4.99 23.91 -18.70
N MET B 58 5.33 24.52 -17.57
CA MET B 58 6.57 24.20 -16.85
C MET B 58 6.63 22.80 -16.26
N THR B 59 5.50 22.31 -15.77
CA THR B 59 5.45 20.98 -15.16
C THR B 59 5.68 19.95 -16.24
N GLU B 60 4.99 20.10 -17.37
CA GLU B 60 5.15 19.19 -18.49
C GLU B 60 6.54 19.23 -19.11
N LYS B 61 7.14 20.44 -19.11
CA LYS B 61 8.50 20.61 -19.59
C LYS B 61 9.46 19.83 -18.72
N ALA B 62 9.30 19.95 -17.40
CA ALA B 62 10.18 19.29 -16.44
C ALA B 62 10.02 17.77 -16.58
N LEU B 63 8.78 17.29 -16.70
CA LEU B 63 8.54 15.89 -17.01
C LEU B 63 9.21 15.43 -18.31
N ALA B 64 9.08 16.25 -19.36
CA ALA B 64 9.74 15.98 -20.64
C ALA B 64 11.26 15.86 -20.47
N GLU B 65 11.84 16.72 -19.62
CA GLU B 65 13.28 16.76 -19.40
C GLU B 65 13.76 15.58 -18.57
N ILE B 66 12.94 15.08 -17.67
CA ILE B 66 13.28 13.88 -16.91
C ILE B 66 13.33 12.66 -17.82
N VAL B 67 12.38 12.58 -18.74
CA VAL B 67 12.34 11.48 -19.68
C VAL B 67 13.54 11.56 -20.63
N ASP B 68 13.89 12.76 -21.11
CA ASP B 68 15.08 12.93 -21.97
C ASP B 68 16.31 12.40 -21.28
N GLU B 69 16.46 12.78 -20.00
CA GLU B 69 17.60 12.36 -19.18
C GLU B 69 17.62 10.84 -19.02
N ALA B 70 16.46 10.23 -18.80
CA ALA B 70 16.40 8.78 -18.73
C ALA B 70 16.82 8.17 -20.06
N ARG B 71 16.49 8.81 -21.17
CA ARG B 71 16.86 8.30 -22.50
C ARG B 71 18.36 8.44 -22.79
N ASN B 72 19.04 9.37 -22.13
CA ASN B 72 20.50 9.41 -22.19
C ASN B 72 21.16 8.28 -21.40
N ARG B 73 20.46 7.62 -20.49
CA ARG B 73 21.09 6.59 -19.65
C ARG B 73 20.69 5.17 -20.00
N TRP B 74 19.52 5.01 -20.60
CA TRP B 74 19.02 3.68 -20.93
C TRP B 74 18.46 3.73 -22.33
N PRO B 75 18.57 2.62 -23.05
CA PRO B 75 17.98 2.52 -24.39
C PRO B 75 16.46 2.22 -24.28
N LEU B 76 15.67 3.27 -24.31
CA LEU B 76 14.24 3.16 -24.09
C LEU B 76 13.46 3.27 -25.38
N GLY B 77 12.30 2.61 -25.44
CA GLY B 77 11.37 2.77 -26.54
C GLY B 77 10.27 3.77 -26.14
N ARG B 78 9.02 3.35 -26.21
CA ARG B 78 7.92 4.21 -25.84
C ARG B 78 7.92 4.44 -24.33
N VAL B 79 7.65 5.69 -23.97
CA VAL B 79 7.54 6.13 -22.59
C VAL B 79 6.27 6.95 -22.45
N THR B 80 5.49 6.69 -21.40
CA THR B 80 4.33 7.51 -21.03
C THR B 80 4.45 7.99 -19.60
N VAL B 81 4.16 9.27 -19.36
CA VAL B 81 4.13 9.84 -18.02
C VAL B 81 2.85 10.67 -17.93
N ILE B 82 1.98 10.25 -17.03
CA ILE B 82 0.73 10.92 -16.77
C ILE B 82 0.67 11.30 -15.30
N HIS B 83 0.25 12.53 -15.03
CA HIS B 83 0.05 12.99 -13.66
C HIS B 83 -1.29 13.72 -13.51
N ARG B 84 -2.06 13.23 -12.58
CA ARG B 84 -3.34 13.81 -12.23
C ARG B 84 -3.11 14.95 -11.22
N ILE B 85 -3.99 15.94 -11.23
CA ILE B 85 -3.98 17.07 -10.29
C ILE B 85 -5.39 17.29 -9.75
N GLY B 86 -5.57 18.31 -8.92
CA GLY B 86 -6.87 18.67 -8.38
C GLY B 86 -7.05 18.09 -6.99
N GLU B 87 -8.30 17.87 -6.61
CA GLU B 87 -8.60 17.38 -5.29
C GLU B 87 -8.63 15.86 -5.32
N LEU B 88 -7.78 15.22 -4.52
CA LEU B 88 -7.58 13.79 -4.60
C LEU B 88 -7.63 13.14 -3.21
N TRP B 89 -8.11 11.91 -3.16
CA TRP B 89 -8.37 11.18 -1.93
C TRP B 89 -7.59 9.89 -1.89
N PRO B 90 -7.36 9.34 -0.68
CA PRO B 90 -6.71 8.03 -0.52
C PRO B 90 -7.28 6.96 -1.44
N GLY B 91 -6.42 6.29 -2.20
CA GLY B 91 -6.85 5.29 -3.19
C GLY B 91 -6.93 5.79 -4.62
N ASP B 92 -7.01 7.10 -4.86
CA ASP B 92 -7.01 7.65 -6.23
C ASP B 92 -5.64 7.48 -6.90
N GLU B 93 -5.67 7.02 -8.14
CA GLU B 93 -4.50 6.88 -8.97
C GLU B 93 -4.07 8.28 -9.42
N ILE B 94 -2.86 8.71 -9.08
CA ILE B 94 -2.42 10.06 -9.44
C ILE B 94 -1.23 10.14 -10.36
N VAL B 95 -0.49 9.06 -10.52
CA VAL B 95 0.66 9.09 -11.38
C VAL B 95 0.84 7.74 -12.03
N PHE B 96 1.21 7.78 -13.30
CA PHE B 96 1.47 6.62 -14.12
C PHE B 96 2.75 6.88 -14.92
N VAL B 97 3.70 5.96 -14.80
CA VAL B 97 4.90 5.97 -15.61
C VAL B 97 5.01 4.64 -16.29
N GLY B 98 5.09 4.67 -17.61
CA GLY B 98 5.33 3.48 -18.39
C GLY B 98 6.58 3.64 -19.23
N VAL B 99 7.39 2.60 -19.28
CA VAL B 99 8.64 2.61 -20.00
C VAL B 99 8.78 1.27 -20.66
N THR B 100 9.36 1.27 -21.85
CA THR B 100 9.70 0.06 -22.53
C THR B 100 11.17 0.05 -22.90
N SER B 101 11.64 -1.15 -23.22
CA SER B 101 13.03 -1.41 -23.54
C SER B 101 13.16 -2.81 -24.16
N ALA B 102 14.34 -3.12 -24.67
CA ALA B 102 14.63 -4.47 -25.14
C ALA B 102 14.98 -5.34 -23.94
N HIS B 103 15.58 -4.72 -22.92
CA HIS B 103 16.00 -5.44 -21.71
C HIS B 103 15.18 -5.02 -20.48
N ARG B 104 14.78 -5.99 -19.65
CA ARG B 104 13.94 -5.71 -18.49
C ARG B 104 14.65 -4.86 -17.44
N SER B 105 15.93 -5.09 -17.22
CA SER B 105 16.73 -4.29 -16.30
C SER B 105 16.65 -2.80 -16.61
N SER B 106 16.85 -2.44 -17.87
CA SER B 106 16.73 -1.08 -18.33
C SER B 106 15.34 -0.51 -18.04
N ALA B 107 14.28 -1.26 -18.34
CA ALA B 107 12.93 -0.75 -18.13
C ALA B 107 12.69 -0.51 -16.62
N PHE B 108 13.10 -1.45 -15.79
CA PHE B 108 12.94 -1.35 -14.34
C PHE B 108 13.72 -0.14 -13.76
N GLU B 109 14.98 0.00 -14.15
CA GLU B 109 15.82 1.05 -13.62
C GLU B 109 15.33 2.41 -14.11
N ALA B 110 14.96 2.52 -15.40
CA ALA B 110 14.44 3.78 -15.94
C ALA B 110 13.11 4.20 -15.33
N GLY B 111 12.20 3.24 -15.14
CA GLY B 111 10.93 3.49 -14.48
C GLY B 111 11.12 4.08 -13.09
N GLN B 112 12.06 3.53 -12.34
CA GLN B 112 12.38 4.05 -11.00
C GLN B 112 13.04 5.41 -11.02
N PHE B 113 13.98 5.60 -11.93
CA PHE B 113 14.65 6.90 -12.12
C PHE B 113 13.62 8.01 -12.42
N ILE B 114 12.73 7.75 -13.36
CA ILE B 114 11.72 8.73 -13.76
C ILE B 114 10.78 9.09 -12.60
N MET B 115 10.31 8.10 -11.84
CA MET B 115 9.50 8.36 -10.66
C MET B 115 10.29 9.13 -9.60
N ASP B 116 11.52 8.73 -9.34
CA ASP B 116 12.32 9.37 -8.29
C ASP B 116 12.51 10.84 -8.65
N TYR B 117 12.98 11.11 -9.87
CA TYR B 117 13.19 12.48 -10.27
C TYR B 117 11.92 13.27 -10.45
N LEU B 118 10.83 12.65 -10.87
CA LEU B 118 9.60 13.42 -10.97
C LEU B 118 9.14 13.92 -9.59
N LYS B 119 9.35 13.09 -8.57
CA LYS B 119 8.96 13.42 -7.22
C LYS B 119 9.79 14.51 -6.58
N THR B 120 11.05 14.63 -6.99
CA THR B 120 11.94 15.62 -6.42
C THR B 120 12.25 16.81 -7.33
N ARG B 121 11.87 16.78 -8.61
CA ARG B 121 12.17 17.91 -9.54
C ARG B 121 10.94 18.55 -10.18
N ALA B 122 9.94 17.75 -10.58
CA ALA B 122 8.76 18.29 -11.29
C ALA B 122 7.99 19.24 -10.37
N PRO B 123 7.75 20.46 -10.81
CA PRO B 123 7.11 21.44 -9.94
C PRO B 123 5.61 21.18 -9.81
N PHE B 124 5.22 20.79 -8.61
CA PHE B 124 3.82 20.76 -8.18
C PHE B 124 3.74 21.52 -6.87
N TRP B 125 2.56 22.05 -6.58
CA TRP B 125 2.24 22.60 -5.28
C TRP B 125 1.15 21.76 -4.62
N LYS B 126 1.45 21.27 -3.42
CA LYS B 126 0.49 20.55 -2.60
C LYS B 126 -0.11 21.50 -1.57
N ARG B 127 -1.35 21.19 -1.16
CA ARG B 127 -1.96 21.76 0.05
C ARG B 127 -3.18 20.92 0.49
N ALA C 2 1.72 4.98 11.03
CA ALA C 2 3.03 5.37 11.57
C ALA C 2 3.16 6.89 11.70
N GLU C 3 3.52 7.34 12.91
CA GLU C 3 3.55 8.75 13.24
C GLU C 3 4.89 9.40 12.82
N THR C 4 4.84 10.70 12.59
CA THR C 4 6.00 11.51 12.19
C THR C 4 6.11 12.67 13.13
N LYS C 5 7.29 12.89 13.69
CA LYS C 5 7.52 14.00 14.60
C LYS C 5 8.42 14.99 13.89
N ILE C 6 7.90 16.20 13.69
CA ILE C 6 8.64 17.29 13.06
C ILE C 6 8.75 18.49 13.99
N VAL C 7 9.98 18.92 14.29
CA VAL C 7 10.20 20.04 15.20
C VAL C 7 11.29 20.98 14.69
N VAL C 8 10.95 22.26 14.63
CA VAL C 8 11.93 23.32 14.39
C VAL C 8 11.91 24.36 15.53
N GLY C 9 13.08 24.77 16.03
CA GLY C 9 13.17 25.72 17.14
C GLY C 9 14.60 25.97 17.60
N PRO C 10 14.86 27.04 18.36
CA PRO C 10 16.21 27.33 18.87
C PRO C 10 16.67 26.44 20.01
N GLN C 11 15.76 25.73 20.66
CA GLN C 11 16.09 24.95 21.84
C GLN C 11 17.05 23.78 21.48
N PRO C 12 18.02 23.49 22.35
CA PRO C 12 18.80 22.25 22.21
C PRO C 12 17.89 21.02 22.25
N PHE C 13 18.19 19.99 21.48
CA PHE C 13 17.46 18.73 21.64
C PHE C 13 18.40 17.76 22.34
N SER C 14 17.85 16.62 22.77
CA SER C 14 18.62 15.56 23.40
C SER C 14 18.28 14.22 22.71
N VAL C 15 19.26 13.56 22.12
CA VAL C 15 18.98 12.33 21.36
C VAL C 15 18.49 11.24 22.31
N GLY C 16 18.96 11.28 23.55
CA GLY C 16 18.49 10.35 24.56
C GLY C 16 17.04 10.55 24.94
N GLU C 17 16.52 11.75 24.81
CA GLU C 17 15.08 11.99 24.99
C GLU C 17 14.24 11.60 23.76
N GLU C 18 14.83 11.73 22.58
CA GLU C 18 14.09 11.52 21.32
C GLU C 18 14.08 10.04 20.90
N TYR C 19 15.17 9.33 21.21
CA TYR C 19 15.33 7.95 20.78
C TYR C 19 14.24 6.99 21.31
N PRO C 20 13.90 7.03 22.59
CA PRO C 20 12.85 6.12 23.10
C PRO C 20 11.55 6.11 22.29
N TRP C 21 10.98 7.26 21.93
CA TRP C 21 9.71 7.29 21.21
C TRP C 21 9.92 6.73 19.80
N LEU C 22 11.05 7.07 19.19
CA LEU C 22 11.37 6.63 17.84
C LEU C 22 11.39 5.11 17.77
N ALA C 23 11.97 4.47 18.80
CA ALA C 23 12.21 3.02 18.85
C ALA C 23 11.15 2.21 19.61
N GLU C 24 10.04 2.84 19.98
CA GLU C 24 9.01 2.20 20.78
C GLU C 24 8.34 0.97 20.21
N ARG C 25 7.95 1.00 18.94
CA ARG C 25 7.10 -0.04 18.40
C ARG C 25 7.89 -1.31 18.09
N ASP C 26 7.32 -2.44 18.46
CA ASP C 26 7.94 -3.72 18.26
C ASP C 26 8.12 -4.09 16.79
N GLU C 27 7.23 -3.61 15.92
CA GLU C 27 7.31 -3.87 14.48
C GLU C 27 8.42 -3.06 13.79
N ASP C 28 8.92 -2.02 14.45
CA ASP C 28 10.00 -1.22 13.93
C ASP C 28 11.29 -1.81 14.43
N GLY C 29 11.75 -2.87 13.78
CA GLY C 29 12.88 -3.64 14.26
C GLY C 29 14.27 -3.01 14.05
N ALA C 30 14.35 -1.98 13.21
CA ALA C 30 15.60 -1.38 12.79
C ALA C 30 15.44 0.09 12.94
N VAL C 31 16.35 0.72 13.66
CA VAL C 31 16.31 2.14 13.95
C VAL C 31 17.63 2.78 13.52
N VAL C 32 17.55 3.80 12.67
CA VAL C 32 18.72 4.53 12.23
C VAL C 32 18.54 5.99 12.64
N THR C 33 19.57 6.58 13.24
CA THR C 33 19.60 8.01 13.48
C THR C 33 20.84 8.71 12.91
N PHE C 34 20.64 9.97 12.55
CA PHE C 34 21.75 10.85 12.23
C PHE C 34 21.64 12.14 13.02
N THR C 35 22.78 12.60 13.51
CA THR C 35 22.87 13.89 14.18
C THR C 35 23.96 14.67 13.52
N GLY C 36 23.64 15.86 13.06
CA GLY C 36 24.62 16.74 12.49
C GLY C 36 24.93 17.90 13.40
N LYS C 37 26.22 18.24 13.47
CA LYS C 37 26.70 19.34 14.29
C LYS C 37 27.33 20.42 13.39
N VAL C 38 27.47 21.61 13.93
CA VAL C 38 28.18 22.66 13.24
C VAL C 38 29.62 22.18 13.07
N ARG C 39 30.11 22.30 11.84
CA ARG C 39 31.45 21.91 11.48
C ARG C 39 32.27 23.18 11.32
N ASN C 40 33.60 23.06 11.44
CA ASN C 40 34.48 24.21 11.23
C ASN C 40 34.30 24.83 9.86
N HIS C 41 34.09 23.98 8.84
CA HIS C 41 33.94 24.48 7.46
C HIS C 41 32.61 25.20 7.20
N ASN C 42 31.60 24.98 8.05
CA ASN C 42 30.37 25.78 7.96
C ASN C 42 30.52 27.28 8.30
N LEU C 43 31.65 27.67 8.89
CA LEU C 43 31.87 29.08 9.29
C LEU C 43 32.48 29.95 8.17
N GLY C 44 31.78 31.02 7.81
CA GLY C 44 32.30 31.99 6.86
C GLY C 44 33.47 32.76 7.45
N ASN C 48 34.19 31.93 14.97
CA ASN C 48 32.95 32.68 15.09
C ASN C 48 31.75 31.72 15.20
N ALA C 49 30.54 32.22 14.97
CA ALA C 49 29.33 31.40 15.05
C ALA C 49 28.44 31.57 13.81
N LEU C 50 27.43 30.70 13.73
CA LEU C 50 26.46 30.64 12.65
C LEU C 50 25.15 31.15 13.21
N THR C 51 24.40 31.92 12.45
CA THR C 51 23.01 32.19 12.84
C THR C 51 22.07 31.65 11.75
N LEU C 52 21.34 30.59 12.07
CA LEU C 52 20.42 29.97 11.11
C LEU C 52 18.99 30.51 11.26
N GLU C 53 18.36 30.84 10.13
CA GLU C 53 16.96 31.26 10.07
C GLU C 53 16.11 30.28 9.22
N HIS C 54 14.80 30.48 9.26
CA HIS C 54 13.87 29.60 8.57
C HIS C 54 12.59 30.34 8.19
N TYR C 55 11.82 29.72 7.30
CA TYR C 55 10.50 30.19 6.89
C TYR C 55 9.46 29.50 7.78
N PRO C 56 8.95 30.18 8.81
CA PRO C 56 8.00 29.55 9.73
C PRO C 56 6.80 28.96 9.01
N GLY C 57 6.45 27.72 9.35
CA GLY C 57 5.28 27.06 8.75
C GLY C 57 5.65 26.30 7.48
N MET C 58 6.23 27.02 6.52
CA MET C 58 6.64 26.42 5.24
C MET C 58 7.81 25.47 5.41
N THR C 59 8.63 25.71 6.42
CA THR C 59 9.79 24.86 6.63
C THR C 59 9.33 23.50 7.13
N GLU C 60 8.41 23.50 8.07
CA GLU C 60 7.86 22.28 8.63
C GLU C 60 7.08 21.50 7.55
N LYS C 61 6.34 22.23 6.71
CA LYS C 61 5.67 21.66 5.57
C LYS C 61 6.63 20.99 4.60
N ALA C 62 7.76 21.61 4.28
CA ALA C 62 8.76 21.00 3.42
C ALA C 62 9.33 19.73 4.06
N LEU C 63 9.62 19.79 5.36
CA LEU C 63 10.09 18.63 6.08
C LEU C 63 9.07 17.49 6.06
N ALA C 64 7.80 17.81 6.32
CA ALA C 64 6.75 16.80 6.30
C ALA C 64 6.63 16.14 4.90
N GLU C 65 6.79 16.94 3.85
CA GLU C 65 6.69 16.46 2.46
C GLU C 65 7.89 15.60 2.02
N ILE C 66 9.07 15.89 2.56
CA ILE C 66 10.25 15.07 2.40
C ILE C 66 10.07 13.70 3.06
N VAL C 67 9.64 13.67 4.31
CA VAL C 67 9.37 12.41 4.99
C VAL C 67 8.27 11.62 4.23
N ASP C 68 7.27 12.34 3.74
CA ASP C 68 6.17 11.75 3.03
C ASP C 68 6.67 11.02 1.75
N GLU C 69 7.53 11.66 0.97
CA GLU C 69 8.15 11.00 -0.16
C GLU C 69 9.02 9.80 0.26
N ALA C 70 9.71 9.90 1.40
CA ALA C 70 10.45 8.77 1.95
C ALA C 70 9.53 7.61 2.24
N ARG C 71 8.32 7.91 2.72
CA ARG C 71 7.35 6.85 3.02
C ARG C 71 6.80 6.26 1.75
N ASN C 72 6.65 7.09 0.71
CA ASN C 72 6.27 6.59 -0.59
C ASN C 72 7.23 5.52 -1.15
N ARG C 73 8.51 5.69 -0.84
CA ARG C 73 9.59 4.81 -1.36
C ARG C 73 9.88 3.59 -0.48
N TRP C 74 9.95 3.79 0.82
CA TRP C 74 10.47 2.78 1.79
C TRP C 74 9.47 2.50 2.88
N PRO C 75 9.44 1.26 3.37
CA PRO C 75 8.57 0.90 4.50
C PRO C 75 9.07 1.36 5.85
N LEU C 76 8.66 2.56 6.21
CA LEU C 76 9.11 3.22 7.40
C LEU C 76 8.05 3.14 8.49
N GLY C 77 8.50 3.05 9.73
CA GLY C 77 7.60 3.13 10.88
C GLY C 77 7.63 4.55 11.36
N ARG C 78 7.96 4.75 12.62
CA ARG C 78 8.12 6.09 13.12
C ARG C 78 9.35 6.80 12.59
N VAL C 79 9.18 8.12 12.40
CA VAL C 79 10.19 9.00 11.90
C VAL C 79 10.18 10.29 12.73
N THR C 80 11.37 10.80 13.05
CA THR C 80 11.57 12.08 13.73
C THR C 80 12.57 12.95 12.98
N VAL C 81 12.21 14.20 12.72
CA VAL C 81 13.11 15.21 12.17
C VAL C 81 13.07 16.46 13.06
N ILE C 82 14.20 16.80 13.64
CA ILE C 82 14.34 17.99 14.49
C ILE C 82 15.46 18.81 13.91
N HIS C 83 15.20 20.09 13.75
CA HIS C 83 16.23 21.00 13.29
C HIS C 83 16.18 22.30 14.10
N ARG C 84 17.37 22.76 14.46
CA ARG C 84 17.50 23.98 15.23
C ARG C 84 17.80 25.18 14.39
N ILE C 85 17.48 26.33 14.95
CA ILE C 85 17.74 27.63 14.34
C ILE C 85 18.37 28.51 15.43
N GLY C 86 18.62 29.76 15.07
CA GLY C 86 19.23 30.71 15.96
C GLY C 86 20.75 30.53 15.92
N GLU C 87 21.38 30.99 16.99
CA GLU C 87 22.82 31.08 17.10
C GLU C 87 23.35 29.72 17.49
N LEU C 88 24.36 29.25 16.76
CA LEU C 88 24.84 27.88 16.85
C LEU C 88 26.35 27.88 16.68
N TRP C 89 27.03 27.22 17.60
CA TRP C 89 28.48 27.20 17.63
C TRP C 89 28.98 25.84 17.17
N PRO C 90 30.18 25.79 16.61
CA PRO C 90 30.85 24.50 16.31
C PRO C 90 30.69 23.52 17.47
N GLY C 91 30.25 22.30 17.17
CA GLY C 91 29.99 21.29 18.19
C GLY C 91 28.55 21.20 18.67
N ASP C 92 27.76 22.25 18.52
CA ASP C 92 26.34 22.13 18.81
C ASP C 92 25.70 21.18 17.79
N GLU C 93 24.76 20.39 18.30
CA GLU C 93 23.97 19.50 17.52
C GLU C 93 22.84 20.31 16.95
N ILE C 94 22.74 20.35 15.62
CA ILE C 94 21.75 21.18 14.96
C ILE C 94 20.66 20.43 14.22
N VAL C 95 20.91 19.19 13.77
CA VAL C 95 19.92 18.42 13.04
C VAL C 95 19.89 16.96 13.50
N PHE C 96 18.69 16.43 13.69
CA PHE C 96 18.47 15.04 14.09
C PHE C 96 17.45 14.43 13.17
N VAL C 97 17.82 13.35 12.49
CA VAL C 97 16.89 12.57 11.69
C VAL C 97 16.89 11.14 12.22
N GLY C 98 15.71 10.66 12.58
CA GLY C 98 15.55 9.31 13.09
C GLY C 98 14.53 8.59 12.24
N VAL C 99 14.81 7.36 11.90
CA VAL C 99 13.94 6.58 10.98
C VAL C 99 13.90 5.12 11.44
N THR C 100 12.78 4.44 11.24
CA THR C 100 12.68 3.03 11.57
C THR C 100 12.09 2.26 10.44
N SER C 101 12.35 0.97 10.42
CA SER C 101 11.86 0.09 9.36
C SER C 101 11.98 -1.33 9.88
N ALA C 102 11.37 -2.29 9.20
CA ALA C 102 11.57 -3.71 9.57
C ALA C 102 12.93 -4.18 9.11
N HIS C 103 13.53 -3.57 8.09
CA HIS C 103 14.87 -3.99 7.69
C HIS C 103 15.84 -2.82 7.65
N ARG C 104 17.10 -3.07 7.99
CA ARG C 104 18.05 -2.00 8.13
C ARG C 104 18.34 -1.22 6.83
N SER C 105 18.33 -1.88 5.67
CA SER C 105 18.71 -1.22 4.42
C SER C 105 17.76 -0.09 4.10
N SER C 106 16.47 -0.32 4.31
CA SER C 106 15.46 0.70 4.12
C SER C 106 15.68 1.87 5.06
N ALA C 107 15.95 1.58 6.33
CA ALA C 107 16.19 2.63 7.31
C ALA C 107 17.44 3.43 6.95
N PHE C 108 18.49 2.76 6.49
CA PHE C 108 19.71 3.49 6.13
C PHE C 108 19.50 4.39 4.92
N GLU C 109 18.79 3.86 3.92
CA GLU C 109 18.48 4.59 2.69
C GLU C 109 17.63 5.80 2.96
N ALA C 110 16.51 5.59 3.67
CA ALA C 110 15.60 6.67 4.02
C ALA C 110 16.24 7.79 4.89
N GLY C 111 17.03 7.41 5.90
CA GLY C 111 17.73 8.38 6.75
C GLY C 111 18.64 9.28 5.91
N GLN C 112 19.38 8.68 4.99
CA GLN C 112 20.22 9.47 4.08
C GLN C 112 19.42 10.34 3.09
N PHE C 113 18.34 9.79 2.54
CA PHE C 113 17.50 10.55 1.61
C PHE C 113 16.90 11.73 2.31
N ILE C 114 16.41 11.56 3.54
CA ILE C 114 15.74 12.66 4.22
C ILE C 114 16.76 13.77 4.56
N MET C 115 17.95 13.40 5.03
CA MET C 115 19.04 14.36 5.20
C MET C 115 19.45 15.05 3.90
N ASP C 116 19.70 14.32 2.84
CA ASP C 116 20.17 14.90 1.60
C ASP C 116 19.16 15.93 1.08
N TYR C 117 17.89 15.57 1.11
CA TYR C 117 16.83 16.39 0.55
C TYR C 117 16.50 17.58 1.48
N LEU C 118 16.50 17.39 2.79
CA LEU C 118 16.29 18.53 3.68
C LEU C 118 17.43 19.58 3.59
N LYS C 119 18.67 19.13 3.42
CA LYS C 119 19.81 20.04 3.35
C LYS C 119 19.84 20.82 2.04
N THR C 120 19.34 20.25 0.94
CA THR C 120 19.35 20.94 -0.34
C THR C 120 18.03 21.62 -0.72
N ARG C 121 16.94 21.34 0.00
CA ARG C 121 15.62 21.84 -0.34
C ARG C 121 14.81 22.48 0.78
N ALA C 122 15.09 22.20 2.04
CA ALA C 122 14.28 22.81 3.07
C ALA C 122 14.69 24.29 3.26
N PRO C 123 13.73 25.17 3.53
CA PRO C 123 14.07 26.59 3.68
C PRO C 123 14.78 26.86 5.00
N PHE C 124 16.10 26.75 5.00
CA PHE C 124 16.96 27.21 6.09
C PHE C 124 18.05 28.01 5.43
N TRP C 125 18.52 29.07 6.08
CA TRP C 125 19.66 29.84 5.57
C TRP C 125 20.40 30.54 6.70
N LYS C 126 21.66 30.87 6.43
CA LYS C 126 22.49 31.64 7.37
C LYS C 126 22.10 33.10 7.33
N ARG C 127 22.08 33.76 8.47
CA ARG C 127 21.55 35.12 8.58
C ARG C 127 22.25 36.13 7.70
N GLU C 128 21.56 36.47 6.61
CA GLU C 128 21.60 37.76 5.98
C GLU C 128 20.15 38.25 5.96
N ALA D 2 41.25 8.22 17.93
CA ALA D 2 39.86 8.14 18.46
C ALA D 2 39.58 6.79 19.09
N GLU D 3 38.77 6.77 20.14
CA GLU D 3 38.50 5.56 20.90
C GLU D 3 37.34 4.71 20.36
N THR D 4 37.42 3.41 20.63
CA THR D 4 36.43 2.42 20.26
C THR D 4 35.89 1.71 21.51
N LYS D 5 34.57 1.73 21.70
CA LYS D 5 33.96 1.00 22.80
C LYS D 5 33.27 -0.25 22.24
N ILE D 6 33.74 -1.42 22.65
CA ILE D 6 33.16 -2.69 22.30
C ILE D 6 32.70 -3.41 23.57
N VAL D 7 31.41 -3.73 23.67
CA VAL D 7 30.84 -4.49 24.79
C VAL D 7 29.90 -5.58 24.31
N VAL D 8 30.02 -6.77 24.90
CA VAL D 8 29.13 -7.88 24.63
C VAL D 8 28.68 -8.45 25.96
N GLY D 9 27.37 -8.64 26.13
CA GLY D 9 26.87 -9.08 27.42
C GLY D 9 25.37 -9.25 27.47
N PRO D 10 24.88 -9.91 28.50
CA PRO D 10 23.44 -10.18 28.62
C PRO D 10 22.58 -9.00 29.06
N GLN D 11 23.16 -8.00 29.75
CA GLN D 11 22.40 -6.90 30.35
C GLN D 11 21.85 -6.02 29.24
N PRO D 12 20.67 -5.42 29.42
CA PRO D 12 20.18 -4.44 28.44
C PRO D 12 21.07 -3.25 28.39
N PHE D 13 21.20 -2.66 27.21
CA PHE D 13 21.88 -1.39 27.07
C PHE D 13 20.83 -0.29 26.96
N SER D 14 21.30 0.94 27.06
CA SER D 14 20.46 2.12 26.89
C SER D 14 21.10 3.05 25.88
N VAL D 15 20.42 3.32 24.78
CA VAL D 15 20.97 4.23 23.77
C VAL D 15 21.23 5.62 24.33
N GLY D 16 20.38 6.03 25.26
CA GLY D 16 20.53 7.29 25.96
C GLY D 16 21.76 7.42 26.84
N GLU D 17 22.26 6.31 27.38
CA GLU D 17 23.50 6.29 28.13
C GLU D 17 24.75 6.20 27.24
N GLU D 18 24.61 5.62 26.05
CA GLU D 18 25.73 5.44 25.14
C GLU D 18 25.96 6.65 24.27
N TYR D 19 24.89 7.37 23.97
CA TYR D 19 24.96 8.43 22.97
C TYR D 19 25.87 9.59 23.36
N PRO D 20 25.76 10.11 24.60
CA PRO D 20 26.61 11.24 25.01
C PRO D 20 28.10 11.02 24.83
N TRP D 21 28.60 9.86 25.19
CA TRP D 21 30.02 9.55 25.00
C TRP D 21 30.33 9.45 23.49
N LEU D 22 29.49 8.75 22.76
CA LEU D 22 29.71 8.59 21.33
C LEU D 22 29.83 9.93 20.65
N ALA D 23 29.04 10.91 21.08
CA ALA D 23 28.94 12.15 20.34
C ALA D 23 29.65 13.30 21.02
N GLU D 24 30.62 13.01 21.88
CA GLU D 24 31.16 14.04 22.78
C GLU D 24 32.05 15.06 22.09
N ARG D 25 32.88 14.60 21.16
CA ARG D 25 33.95 15.44 20.58
C ARG D 25 33.39 16.38 19.51
N ASP D 26 33.78 17.65 19.58
CA ASP D 26 33.27 18.68 18.68
C ASP D 26 33.60 18.36 17.22
N GLU D 27 34.76 17.75 16.98
CA GLU D 27 35.15 17.37 15.61
C GLU D 27 34.40 16.15 15.04
N ASP D 28 33.67 15.42 15.88
CA ASP D 28 32.84 14.32 15.41
C ASP D 28 31.46 14.89 15.08
N GLY D 29 31.37 15.61 13.96
CA GLY D 29 30.20 16.39 13.62
C GLY D 29 29.10 15.63 12.87
N ALA D 30 29.37 14.39 12.49
CA ALA D 30 28.34 13.53 11.88
C ALA D 30 28.24 12.23 12.69
N VAL D 31 27.09 12.03 13.33
CA VAL D 31 26.85 10.87 14.21
C VAL D 31 25.70 9.99 13.71
N VAL D 32 26.07 8.78 13.31
CA VAL D 32 25.15 7.79 12.79
C VAL D 32 25.02 6.71 13.82
N THR D 33 23.78 6.34 14.20
CA THR D 33 23.56 5.12 14.98
C THR D 33 22.65 4.15 14.27
N PHE D 34 22.82 2.87 14.57
CA PHE D 34 21.89 1.82 14.21
C PHE D 34 21.53 1.01 15.44
N THR D 35 20.25 0.74 15.65
CA THR D 35 19.83 -0.17 16.68
C THR D 35 18.98 -1.25 16.06
N GLY D 36 19.33 -2.50 16.33
CA GLY D 36 18.62 -3.68 15.85
C GLY D 36 17.89 -4.40 16.96
N LYS D 37 16.67 -4.85 16.68
CA LYS D 37 15.83 -5.40 17.72
C LYS D 37 15.38 -6.80 17.31
N VAL D 38 15.01 -7.61 18.30
CA VAL D 38 14.42 -8.91 18.05
C VAL D 38 13.08 -8.67 17.36
N ARG D 39 12.90 -9.29 16.20
CA ARG D 39 11.68 -9.08 15.42
C ARG D 39 10.52 -9.83 16.04
N ASN D 40 9.32 -9.41 15.67
CA ASN D 40 8.09 -9.82 16.35
C ASN D 40 7.74 -11.32 16.55
N HIS D 41 8.06 -12.19 15.59
CA HIS D 41 7.73 -13.63 15.74
C HIS D 41 8.24 -14.53 14.60
N ASN D 42 7.92 -15.83 14.71
CA ASN D 42 8.02 -16.81 13.60
C ASN D 42 7.54 -18.23 13.98
N VAL D 47 4.37 -16.70 22.03
CA VAL D 47 5.62 -15.96 21.79
C VAL D 47 6.80 -16.68 22.45
N ASN D 48 7.86 -16.92 21.67
CA ASN D 48 9.05 -17.66 22.10
C ASN D 48 10.31 -16.76 22.19
N ALA D 49 11.23 -17.07 23.09
CA ALA D 49 12.43 -16.25 23.26
C ALA D 49 13.54 -16.66 22.29
N LEU D 50 14.22 -15.68 21.69
CA LEU D 50 15.51 -15.89 21.06
C LEU D 50 16.63 -15.98 22.14
N THR D 51 17.46 -17.00 22.07
CA THR D 51 18.61 -17.12 22.96
C THR D 51 19.91 -17.11 22.17
N LEU D 52 20.69 -16.04 22.31
CA LEU D 52 21.97 -15.91 21.63
C LEU D 52 23.12 -16.26 22.55
N GLU D 53 24.11 -16.94 22.00
CA GLU D 53 25.37 -17.22 22.65
C GLU D 53 26.52 -16.76 21.79
N HIS D 54 27.67 -16.53 22.42
CA HIS D 54 28.91 -16.24 21.72
C HIS D 54 30.06 -17.06 22.29
N TYR D 55 31.23 -16.88 21.69
CA TYR D 55 32.50 -17.48 22.18
C TYR D 55 33.26 -16.36 22.90
N PRO D 56 33.30 -16.36 24.24
CA PRO D 56 33.78 -15.16 24.98
C PRO D 56 35.19 -14.76 24.55
N GLY D 57 35.38 -13.48 24.27
CA GLY D 57 36.65 -13.01 23.74
C GLY D 57 36.78 -13.04 22.22
N MET D 58 36.60 -14.19 21.58
CA MET D 58 36.59 -14.30 20.11
C MET D 58 35.62 -13.27 19.48
N THR D 59 34.45 -13.14 20.05
CA THR D 59 33.44 -12.23 19.51
C THR D 59 33.95 -10.80 19.60
N GLU D 60 34.38 -10.37 20.79
CA GLU D 60 34.86 -9.01 20.94
C GLU D 60 36.08 -8.74 20.06
N LYS D 61 36.90 -9.76 19.85
CA LYS D 61 38.09 -9.63 19.02
C LYS D 61 37.69 -9.37 17.59
N ALA D 62 36.73 -10.16 17.08
CA ALA D 62 36.27 -10.01 15.72
C ALA D 62 35.58 -8.67 15.46
N LEU D 63 34.80 -8.17 16.44
CA LEU D 63 34.17 -6.86 16.36
C LEU D 63 35.22 -5.76 16.34
N ALA D 64 36.29 -5.95 17.11
CA ALA D 64 37.38 -4.98 17.18
C ALA D 64 38.08 -4.90 15.83
N GLU D 65 38.15 -6.02 15.13
CA GLU D 65 38.79 -6.09 13.82
C GLU D 65 37.93 -5.49 12.71
N ILE D 66 36.61 -5.65 12.81
CA ILE D 66 35.72 -5.03 11.82
C ILE D 66 35.80 -3.51 11.93
N VAL D 67 35.83 -2.98 13.15
CA VAL D 67 35.93 -1.55 13.37
C VAL D 67 37.27 -1.03 12.86
N ASP D 68 38.33 -1.80 13.08
CA ASP D 68 39.64 -1.39 12.61
C ASP D 68 39.70 -1.31 11.09
N GLU D 69 39.10 -2.30 10.42
CA GLU D 69 39.01 -2.29 8.97
C GLU D 69 38.17 -1.10 8.52
N ALA D 70 37.12 -0.77 9.26
CA ALA D 70 36.31 0.41 8.95
C ALA D 70 37.14 1.68 9.05
N ARG D 71 38.02 1.78 10.04
CA ARG D 71 38.88 2.96 10.23
C ARG D 71 39.94 3.09 9.14
N ASN D 72 40.30 1.97 8.51
CA ASN D 72 41.19 1.96 7.35
C ASN D 72 40.50 2.42 6.06
N ARG D 73 39.15 2.30 5.98
CA ARG D 73 38.40 2.72 4.79
C ARG D 73 37.78 4.12 4.87
N TRP D 74 37.42 4.55 6.08
CA TRP D 74 36.72 5.81 6.31
C TRP D 74 37.33 6.60 7.46
N PRO D 75 37.29 7.94 7.38
CA PRO D 75 37.81 8.78 8.46
C PRO D 75 36.81 8.92 9.62
N LEU D 76 37.00 8.07 10.62
CA LEU D 76 36.07 7.98 11.74
C LEU D 76 36.66 8.52 13.03
N GLY D 77 35.79 9.07 13.87
CA GLY D 77 36.11 9.43 15.23
C GLY D 77 35.70 8.30 16.16
N ARG D 78 34.92 8.62 17.19
CA ARG D 78 34.50 7.59 18.13
C ARG D 78 33.54 6.65 17.48
N VAL D 79 33.74 5.37 17.79
CA VAL D 79 32.83 4.29 17.39
C VAL D 79 32.46 3.47 18.64
N THR D 80 31.19 3.09 18.74
CA THR D 80 30.68 2.13 19.72
C THR D 80 30.00 0.95 19.00
N VAL D 81 30.32 -0.27 19.40
CA VAL D 81 29.56 -1.44 18.97
C VAL D 81 29.19 -2.23 20.22
N ILE D 82 27.89 -2.31 20.54
CA ILE D 82 27.41 -3.14 21.65
C ILE D 82 26.51 -4.25 21.16
N HIS D 83 26.71 -5.46 21.68
CA HIS D 83 25.87 -6.57 21.27
C HIS D 83 25.44 -7.35 22.50
N ARG D 84 24.15 -7.49 22.66
CA ARG D 84 23.57 -8.33 23.68
C ARG D 84 23.56 -9.82 23.32
N ILE D 85 23.54 -10.65 24.37
CA ILE D 85 23.37 -12.10 24.27
C ILE D 85 22.38 -12.56 25.35
N GLY D 86 22.24 -13.87 25.51
CA GLY D 86 21.25 -14.40 26.42
C GLY D 86 19.85 -14.44 25.81
N GLU D 87 18.86 -14.48 26.68
CA GLU D 87 17.45 -14.63 26.35
C GLU D 87 16.87 -13.29 25.96
N LEU D 88 16.31 -13.19 24.77
CA LEU D 88 15.87 -11.90 24.23
C LEU D 88 14.47 -12.04 23.64
N TRP D 89 13.62 -11.06 23.88
CA TRP D 89 12.19 -11.10 23.52
C TRP D 89 11.93 -10.12 22.38
N PRO D 90 10.86 -10.32 21.63
CA PRO D 90 10.47 -9.32 20.63
C PRO D 90 10.49 -7.90 21.23
N GLY D 91 11.07 -6.97 20.51
CA GLY D 91 11.22 -5.60 20.95
C GLY D 91 12.52 -5.33 21.64
N ASP D 92 13.20 -6.33 22.18
CA ASP D 92 14.46 -6.10 22.88
C ASP D 92 15.48 -5.61 21.85
N GLU D 93 16.26 -4.64 22.28
CA GLU D 93 17.36 -4.12 21.51
C GLU D 93 18.57 -4.98 21.75
N ILE D 94 19.08 -5.56 20.67
CA ILE D 94 20.17 -6.47 20.77
C ILE D 94 21.50 -5.98 20.20
N VAL D 95 21.49 -5.00 19.33
CA VAL D 95 22.74 -4.50 18.74
C VAL D 95 22.65 -3.00 18.54
N PHE D 96 23.72 -2.30 18.98
CA PHE D 96 23.88 -0.87 18.80
C PHE D 96 25.26 -0.62 18.15
N VAL D 97 25.25 0.06 17.01
CA VAL D 97 26.45 0.50 16.35
C VAL D 97 26.39 2.02 16.25
N GLY D 98 27.42 2.70 16.74
CA GLY D 98 27.50 4.15 16.70
C GLY D 98 28.81 4.48 16.04
N VAL D 99 28.74 5.33 15.02
CA VAL D 99 29.89 5.70 14.24
C VAL D 99 29.85 7.20 14.07
N THR D 100 31.02 7.83 14.18
CA THR D 100 31.15 9.26 13.95
C THR D 100 32.21 9.56 12.88
N SER D 101 32.06 10.71 12.24
CA SER D 101 33.03 11.25 11.29
C SER D 101 32.76 12.74 11.23
N ALA D 102 33.59 13.50 10.54
CA ALA D 102 33.25 14.87 10.16
C ALA D 102 32.30 14.83 8.97
N HIS D 103 32.20 13.68 8.33
CA HIS D 103 31.52 13.58 7.04
C HIS D 103 30.41 12.52 7.08
N ARG D 104 29.21 12.94 6.67
CA ARG D 104 27.98 12.11 6.62
C ARG D 104 28.13 10.78 5.89
N SER D 105 28.67 10.83 4.69
CA SER D 105 28.83 9.62 3.88
C SER D 105 29.82 8.65 4.51
N SER D 106 30.88 9.18 5.12
CA SER D 106 31.85 8.32 5.82
C SER D 106 31.20 7.58 6.98
N ALA D 107 30.35 8.25 7.72
CA ALA D 107 29.73 7.66 8.90
C ALA D 107 28.64 6.63 8.51
N PHE D 108 27.81 6.97 7.53
CA PHE D 108 26.78 6.04 7.04
C PHE D 108 27.36 4.78 6.40
N GLU D 109 28.39 4.94 5.56
CA GLU D 109 29.02 3.81 4.90
C GLU D 109 29.66 2.87 5.89
N ALA D 110 30.28 3.44 6.92
CA ALA D 110 30.95 2.68 7.94
C ALA D 110 29.98 1.92 8.83
N GLY D 111 28.89 2.60 9.20
CA GLY D 111 27.83 1.98 9.96
C GLY D 111 27.22 0.79 9.23
N GLN D 112 26.88 0.98 7.96
CA GLN D 112 26.39 -0.11 7.14
C GLN D 112 27.42 -1.24 7.05
N PHE D 113 28.69 -0.90 6.86
CA PHE D 113 29.77 -1.88 6.70
C PHE D 113 29.97 -2.75 7.94
N ILE D 114 29.93 -2.13 9.10
CA ILE D 114 30.03 -2.83 10.35
C ILE D 114 28.85 -3.76 10.55
N MET D 115 27.64 -3.24 10.34
CA MET D 115 26.44 -4.06 10.38
C MET D 115 26.46 -5.20 9.34
N ASP D 116 26.91 -4.94 8.13
CA ASP D 116 27.00 -5.97 7.10
C ASP D 116 27.90 -7.11 7.56
N TYR D 117 29.09 -6.78 8.05
CA TYR D 117 30.09 -7.77 8.41
C TYR D 117 29.73 -8.46 9.71
N LEU D 118 29.02 -7.75 10.57
CA LEU D 118 28.44 -8.36 11.76
C LEU D 118 27.58 -9.51 11.27
N LYS D 119 26.67 -9.26 10.32
CA LYS D 119 25.68 -10.29 9.89
C LYS D 119 26.25 -11.45 9.08
N THR D 120 27.02 -11.17 8.04
CA THR D 120 27.51 -12.24 7.19
C THR D 120 28.35 -13.17 8.04
N ARG D 121 29.29 -12.58 8.76
CA ARG D 121 30.24 -13.35 9.55
C ARG D 121 29.79 -13.63 10.99
N ALA D 122 28.58 -13.19 11.36
CA ALA D 122 28.11 -13.12 12.77
C ALA D 122 28.58 -14.26 13.66
N PRO D 123 29.51 -13.96 14.56
CA PRO D 123 30.04 -14.97 15.48
C PRO D 123 29.13 -15.03 16.71
N PHE D 124 27.85 -15.28 16.45
CA PHE D 124 26.88 -15.59 17.46
C PHE D 124 26.19 -16.82 16.99
N TRP D 125 25.69 -17.59 17.93
CA TRP D 125 24.78 -18.63 17.57
C TRP D 125 23.53 -18.62 18.44
N LYS D 126 22.47 -19.24 17.92
CA LYS D 126 21.16 -19.35 18.55
C LYS D 126 21.04 -20.71 19.22
N ARG D 127 20.45 -20.70 20.40
CA ARG D 127 20.02 -21.91 21.07
C ARG D 127 18.48 -21.96 21.04
N GLU D 128 17.95 -23.03 20.45
CA GLU D 128 16.51 -23.19 20.16
C GLU D 128 16.01 -24.34 20.99
N ALA D 129 15.09 -24.06 21.90
CA ALA D 129 14.54 -25.08 22.79
C ALA D 129 13.69 -26.12 22.04
N THR D 130 13.78 -27.38 22.44
CA THR D 130 12.94 -28.45 21.88
C THR D 130 12.54 -29.48 22.95
N PRO D 131 11.51 -30.28 22.68
CA PRO D 131 11.19 -31.41 23.56
C PRO D 131 12.44 -32.28 23.78
N GLU D 132 12.95 -32.33 25.01
CA GLU D 132 14.14 -33.14 25.35
C GLU D 132 15.37 -32.82 24.47
N GLY D 133 15.83 -31.57 24.47
CA GLY D 133 16.91 -31.20 23.57
C GLY D 133 17.58 -29.85 23.71
N ASP D 134 17.51 -29.05 22.66
CA ASP D 134 18.30 -27.80 22.48
C ASP D 134 19.15 -27.96 21.23
N ARG D 135 18.76 -27.18 20.23
CA ARG D 135 19.39 -27.20 18.94
C ARG D 135 20.25 -25.95 18.83
N TRP D 136 21.50 -26.12 18.39
CA TRP D 136 22.43 -25.02 18.22
C TRP D 136 22.64 -24.78 16.73
N VAL D 137 22.27 -23.59 16.29
CA VAL D 137 22.41 -23.21 14.90
C VAL D 137 23.07 -21.84 14.86
N GLU D 138 23.46 -21.36 13.69
CA GLU D 138 24.03 -20.03 13.67
C GLU D 138 22.92 -18.95 13.67
N ALA D 139 23.26 -17.81 14.26
CA ALA D 139 22.32 -16.72 14.46
C ALA D 139 22.32 -15.89 13.21
N ARG D 140 21.29 -16.01 12.39
CA ARG D 140 21.23 -15.27 11.11
C ARG D 140 19.86 -14.65 10.82
N ALA E 2 -21.52 -8.35 -20.32
CA ALA E 2 -21.51 -8.34 -18.83
C ALA E 2 -21.34 -9.75 -18.29
N GLU E 3 -20.51 -9.89 -17.26
CA GLU E 3 -20.21 -11.19 -16.70
C GLU E 3 -21.03 -11.47 -15.43
N THR E 4 -21.11 -12.75 -15.08
CA THR E 4 -21.86 -13.25 -13.96
C THR E 4 -20.97 -14.14 -13.10
N LYS E 5 -20.93 -13.88 -11.80
CA LYS E 5 -20.13 -14.67 -10.88
C LYS E 5 -21.10 -15.52 -10.06
N ILE E 6 -20.96 -16.84 -10.21
CA ILE E 6 -21.74 -17.80 -9.46
C ILE E 6 -20.77 -18.66 -8.67
N VAL E 7 -21.00 -18.77 -7.37
CA VAL E 7 -20.14 -19.56 -6.50
C VAL E 7 -20.98 -20.24 -5.44
N VAL E 8 -20.68 -21.50 -5.20
CA VAL E 8 -21.37 -22.29 -4.20
C VAL E 8 -20.30 -23.05 -3.41
N GLY E 9 -20.36 -22.96 -2.09
CA GLY E 9 -19.35 -23.61 -1.25
C GLY E 9 -19.50 -23.27 0.23
N PRO E 10 -18.81 -24.04 1.08
CA PRO E 10 -18.98 -23.89 2.54
C PRO E 10 -18.40 -22.59 3.15
N GLN E 11 -17.44 -21.94 2.51
CA GLN E 11 -16.66 -20.89 3.16
C GLN E 11 -17.51 -19.62 3.33
N PRO E 12 -17.31 -18.89 4.43
CA PRO E 12 -17.88 -17.56 4.57
C PRO E 12 -17.43 -16.62 3.47
N PHE E 13 -18.37 -16.00 2.79
CA PHE E 13 -18.09 -14.91 1.88
C PHE E 13 -18.07 -13.59 2.67
N SER E 14 -17.57 -12.54 2.03
CA SER E 14 -17.50 -11.21 2.63
C SER E 14 -17.95 -10.16 1.60
N VAL E 15 -19.00 -9.40 1.93
CA VAL E 15 -19.56 -8.42 1.00
C VAL E 15 -18.56 -7.33 0.61
N GLY E 16 -17.63 -6.99 1.49
CA GLY E 16 -16.58 -6.02 1.17
C GLY E 16 -15.58 -6.49 0.12
N GLU E 17 -15.38 -7.79 0.03
CA GLU E 17 -14.53 -8.38 -1.00
C GLU E 17 -15.25 -8.60 -2.31
N GLU E 18 -16.57 -8.80 -2.26
CA GLU E 18 -17.33 -9.10 -3.48
C GLU E 18 -17.80 -7.82 -4.17
N TYR E 19 -17.98 -6.77 -3.38
CA TYR E 19 -18.60 -5.56 -3.86
C TYR E 19 -17.77 -4.82 -4.92
N PRO E 20 -16.47 -4.66 -4.71
CA PRO E 20 -15.63 -3.96 -5.69
C PRO E 20 -15.70 -4.53 -7.11
N TRP E 21 -15.74 -5.84 -7.25
CA TRP E 21 -15.85 -6.43 -8.58
C TRP E 21 -17.22 -6.11 -9.18
N LEU E 22 -18.25 -6.32 -8.39
CA LEU E 22 -19.63 -6.08 -8.79
C LEU E 22 -19.86 -4.66 -9.29
N ALA E 23 -19.20 -3.69 -8.68
CA ALA E 23 -19.39 -2.27 -8.92
C ALA E 23 -18.30 -1.58 -9.74
N GLU E 24 -17.47 -2.37 -10.43
CA GLU E 24 -16.28 -1.87 -11.12
C GLU E 24 -16.64 -0.96 -12.31
N ARG E 25 -17.56 -1.41 -13.14
CA ARG E 25 -17.85 -0.73 -14.39
C ARG E 25 -18.60 0.60 -14.18
N ASP E 26 -18.06 1.67 -14.75
CA ASP E 26 -18.67 3.01 -14.71
C ASP E 26 -20.11 3.01 -15.23
N GLU E 27 -20.36 2.22 -16.27
CA GLU E 27 -21.69 2.13 -16.90
C GLU E 27 -22.71 1.47 -15.96
N ASP E 28 -22.23 0.66 -15.02
CA ASP E 28 -23.08 0.07 -13.99
C ASP E 28 -23.32 1.08 -12.87
N GLY E 29 -24.25 2.00 -13.09
CA GLY E 29 -24.39 3.17 -12.26
C GLY E 29 -25.18 2.98 -10.96
N ALA E 30 -25.89 1.86 -10.88
CA ALA E 30 -26.72 1.51 -9.75
C ALA E 30 -26.41 0.08 -9.36
N VAL E 31 -26.13 -0.13 -8.07
CA VAL E 31 -25.75 -1.45 -7.55
C VAL E 31 -26.62 -1.76 -6.35
N VAL E 32 -27.30 -2.90 -6.42
CA VAL E 32 -28.15 -3.40 -5.34
C VAL E 32 -27.60 -4.72 -4.83
N THR E 33 -27.49 -4.85 -3.52
CA THR E 33 -27.15 -6.14 -2.93
C THR E 33 -28.21 -6.63 -1.95
N PHE E 34 -28.33 -7.96 -1.85
CA PHE E 34 -29.14 -8.60 -0.82
C PHE E 34 -28.29 -9.66 -0.12
N THR E 35 -28.34 -9.65 1.21
CA THR E 35 -27.71 -10.70 1.99
C THR E 35 -28.76 -11.29 2.91
N GLY E 36 -28.90 -12.60 2.83
CA GLY E 36 -29.86 -13.32 3.64
C GLY E 36 -29.13 -14.15 4.66
N LYS E 37 -29.56 -14.02 5.91
CA LYS E 37 -28.98 -14.73 7.04
C LYS E 37 -29.92 -15.87 7.48
N VAL E 38 -29.34 -16.84 8.18
CA VAL E 38 -30.13 -17.79 8.97
C VAL E 38 -30.84 -17.04 10.08
N ARG E 39 -32.15 -17.19 10.14
CA ARG E 39 -33.00 -16.45 11.08
C ARG E 39 -33.00 -17.05 12.50
N ASN E 40 -32.75 -16.18 13.50
CA ASN E 40 -33.02 -16.40 14.94
C ASN E 40 -32.05 -15.61 15.82
N ASN E 48 -30.49 -26.45 17.96
CA ASN E 48 -29.87 -27.16 16.85
C ASN E 48 -29.43 -26.18 15.76
N ALA E 49 -28.54 -26.65 14.88
CA ALA E 49 -28.08 -25.85 13.72
C ALA E 49 -28.87 -26.23 12.45
N LEU E 50 -28.30 -25.93 11.29
CA LEU E 50 -28.91 -26.26 10.00
C LEU E 50 -27.83 -26.68 8.99
N THR E 51 -28.09 -27.77 8.26
CA THR E 51 -27.14 -28.28 7.27
C THR E 51 -27.76 -28.32 5.87
N LEU E 52 -27.26 -27.46 4.99
CA LEU E 52 -27.69 -27.38 3.60
C LEU E 52 -26.72 -28.14 2.70
N GLU E 53 -27.25 -28.94 1.81
CA GLU E 53 -26.41 -29.61 0.82
C GLU E 53 -26.91 -29.28 -0.57
N HIS E 54 -26.05 -29.54 -1.55
CA HIS E 54 -26.33 -29.18 -2.93
C HIS E 54 -26.05 -30.35 -3.88
N TYR E 55 -26.63 -30.29 -5.07
CA TYR E 55 -26.33 -31.24 -6.14
C TYR E 55 -25.20 -30.68 -7.00
N PRO E 56 -23.96 -31.19 -6.84
CA PRO E 56 -22.80 -30.64 -7.54
C PRO E 56 -22.99 -30.58 -9.05
N GLY E 57 -22.65 -29.45 -9.65
CA GLY E 57 -22.93 -29.19 -11.05
C GLY E 57 -24.31 -28.60 -11.31
N MET E 58 -25.36 -29.29 -10.86
CA MET E 58 -26.74 -28.89 -11.15
C MET E 58 -27.17 -27.57 -10.51
N THR E 59 -26.87 -27.34 -9.24
CA THR E 59 -27.37 -26.11 -8.60
C THR E 59 -26.66 -24.88 -9.16
N GLU E 60 -25.42 -25.06 -9.59
CA GLU E 60 -24.66 -23.99 -10.22
C GLU E 60 -25.32 -23.62 -11.54
N LYS E 61 -25.74 -24.63 -12.29
CA LYS E 61 -26.45 -24.43 -13.55
C LYS E 61 -27.80 -23.80 -13.28
N ALA E 62 -28.44 -24.19 -12.18
CA ALA E 62 -29.73 -23.65 -11.79
C ALA E 62 -29.61 -22.18 -11.43
N LEU E 63 -28.54 -21.80 -10.73
CA LEU E 63 -28.36 -20.41 -10.34
C LEU E 63 -28.05 -19.53 -11.56
N ALA E 64 -27.30 -20.07 -12.53
CA ALA E 64 -27.00 -19.36 -13.78
C ALA E 64 -28.26 -19.24 -14.64
N GLU E 65 -29.19 -20.17 -14.51
CA GLU E 65 -30.46 -20.09 -15.24
C GLU E 65 -31.36 -18.99 -14.65
N ILE E 66 -31.36 -18.85 -13.34
CA ILE E 66 -32.09 -17.76 -12.69
C ILE E 66 -31.58 -16.41 -13.25
N VAL E 67 -30.25 -16.24 -13.23
CA VAL E 67 -29.63 -15.00 -13.66
C VAL E 67 -29.89 -14.73 -15.14
N ASP E 68 -29.85 -15.78 -15.96
CA ASP E 68 -30.13 -15.69 -17.38
C ASP E 68 -31.51 -15.07 -17.58
N GLU E 69 -32.50 -15.60 -16.86
CA GLU E 69 -33.86 -15.14 -16.99
C GLU E 69 -33.98 -13.70 -16.48
N ALA E 70 -33.27 -13.36 -15.40
CA ALA E 70 -33.23 -11.97 -14.95
C ALA E 70 -32.68 -11.04 -16.05
N ARG E 71 -31.62 -11.45 -16.75
CA ARG E 71 -31.08 -10.67 -17.86
C ARG E 71 -32.06 -10.57 -19.04
N ASN E 72 -32.86 -11.60 -19.28
CA ASN E 72 -33.90 -11.55 -20.29
C ASN E 72 -34.87 -10.43 -19.99
N ARG E 73 -35.11 -10.20 -18.70
CA ARG E 73 -36.09 -9.22 -18.21
C ARG E 73 -35.58 -7.80 -18.10
N TRP E 74 -34.36 -7.63 -17.60
CA TRP E 74 -33.87 -6.31 -17.21
C TRP E 74 -32.45 -6.03 -17.75
N PRO E 75 -32.14 -4.77 -18.06
CA PRO E 75 -30.80 -4.38 -18.49
C PRO E 75 -29.81 -4.40 -17.33
N LEU E 76 -29.15 -5.53 -17.14
CA LEU E 76 -28.26 -5.73 -16.02
C LEU E 76 -26.81 -5.73 -16.49
N GLY E 77 -25.93 -5.19 -15.66
CA GLY E 77 -24.50 -5.24 -15.86
C GLY E 77 -24.02 -6.49 -15.19
N ARG E 78 -22.98 -6.36 -14.37
CA ARG E 78 -22.48 -7.50 -13.61
C ARG E 78 -23.45 -7.93 -12.55
N VAL E 79 -23.44 -9.24 -12.31
CA VAL E 79 -24.27 -9.88 -11.32
C VAL E 79 -23.45 -10.93 -10.58
N THR E 80 -23.62 -11.01 -9.26
CA THR E 80 -22.98 -12.00 -8.40
C THR E 80 -24.03 -12.75 -7.58
N VAL E 81 -23.99 -14.08 -7.61
CA VAL E 81 -24.76 -14.89 -6.68
C VAL E 81 -23.81 -15.85 -5.96
N ILE E 82 -23.79 -15.75 -4.64
CA ILE E 82 -23.05 -16.68 -3.82
C ILE E 82 -24.04 -17.31 -2.84
N HIS E 83 -23.91 -18.62 -2.65
CA HIS E 83 -24.71 -19.35 -1.68
C HIS E 83 -23.82 -20.36 -0.93
N ARG E 84 -24.00 -20.41 0.38
CA ARG E 84 -23.26 -21.35 1.19
C ARG E 84 -24.02 -22.65 1.36
N ILE E 85 -23.24 -23.70 1.61
CA ILE E 85 -23.72 -25.05 1.96
C ILE E 85 -23.04 -25.48 3.26
N GLY E 86 -23.42 -26.66 3.77
CA GLY E 86 -22.83 -27.18 4.99
C GLY E 86 -23.49 -26.67 6.26
N GLU E 87 -22.74 -26.73 7.36
CA GLU E 87 -23.24 -26.38 8.70
C GLU E 87 -23.31 -24.86 8.86
N LEU E 88 -24.44 -24.36 9.39
CA LEU E 88 -24.76 -22.93 9.38
C LEU E 88 -25.70 -22.56 10.53
N TRP E 89 -25.25 -21.63 11.37
CA TRP E 89 -25.97 -21.23 12.59
C TRP E 89 -26.62 -19.85 12.42
N PRO E 90 -27.52 -19.45 13.33
CA PRO E 90 -28.13 -18.10 13.29
C PRO E 90 -27.10 -16.97 13.24
N GLY E 91 -27.43 -15.90 12.53
CA GLY E 91 -26.51 -14.78 12.33
C GLY E 91 -25.56 -14.96 11.16
N ASP E 92 -25.50 -16.19 10.61
CA ASP E 92 -24.62 -16.50 9.49
C ASP E 92 -25.24 -16.00 8.18
N GLU E 93 -24.44 -15.31 7.39
CA GLU E 93 -24.83 -14.90 6.05
C GLU E 93 -24.68 -16.08 5.11
N ILE E 94 -25.81 -16.53 4.54
CA ILE E 94 -25.81 -17.71 3.67
C ILE E 94 -26.00 -17.43 2.18
N VAL E 95 -26.56 -16.28 1.82
CA VAL E 95 -26.82 -15.99 0.43
C VAL E 95 -26.55 -14.52 0.18
N PHE E 96 -25.87 -14.24 -0.94
CA PHE E 96 -25.56 -12.89 -1.36
C PHE E 96 -25.95 -12.75 -2.82
N VAL E 97 -26.75 -11.75 -3.14
CA VAL E 97 -27.09 -11.46 -4.52
C VAL E 97 -26.71 -10.01 -4.80
N GLY E 98 -25.88 -9.81 -5.81
CA GLY E 98 -25.46 -8.50 -6.23
C GLY E 98 -25.91 -8.28 -7.65
N VAL E 99 -26.52 -7.14 -7.92
CA VAL E 99 -27.02 -6.84 -9.26
C VAL E 99 -26.70 -5.37 -9.59
N THR E 100 -26.40 -5.11 -10.85
CA THR E 100 -26.14 -3.74 -11.27
C THR E 100 -26.96 -3.43 -12.49
N SER E 101 -27.26 -2.15 -12.67
CA SER E 101 -28.00 -1.65 -13.81
C SER E 101 -27.66 -0.19 -14.04
N ALA E 102 -28.15 0.37 -15.15
CA ALA E 102 -28.02 1.80 -15.37
C ALA E 102 -29.09 2.51 -14.55
N HIS E 103 -30.21 1.83 -14.29
CA HIS E 103 -31.32 2.46 -13.56
C HIS E 103 -31.61 1.73 -12.26
N ARG E 104 -31.88 2.48 -11.20
CA ARG E 104 -32.02 1.87 -9.91
C ARG E 104 -33.23 0.93 -9.80
N SER E 105 -34.27 1.21 -10.59
CA SER E 105 -35.49 0.43 -10.53
C SER E 105 -35.25 -0.96 -11.08
N SER E 106 -34.43 -1.08 -12.12
CA SER E 106 -34.10 -2.40 -12.68
C SER E 106 -33.29 -3.27 -11.72
N ALA E 107 -32.38 -2.64 -10.99
CA ALA E 107 -31.53 -3.34 -10.03
C ALA E 107 -32.32 -3.85 -8.84
N PHE E 108 -33.18 -3.02 -8.28
CA PHE E 108 -34.05 -3.46 -7.19
C PHE E 108 -34.94 -4.63 -7.66
N GLU E 109 -35.56 -4.49 -8.82
CA GLU E 109 -36.49 -5.52 -9.30
C GLU E 109 -35.79 -6.84 -9.61
N ALA E 110 -34.61 -6.77 -10.25
CA ALA E 110 -33.84 -7.98 -10.56
C ALA E 110 -33.34 -8.66 -9.28
N GLY E 111 -32.82 -7.90 -8.35
CA GLY E 111 -32.33 -8.45 -7.10
C GLY E 111 -33.38 -9.26 -6.35
N GLN E 112 -34.56 -8.70 -6.27
CA GLN E 112 -35.65 -9.36 -5.56
C GLN E 112 -36.16 -10.57 -6.36
N PHE E 113 -36.26 -10.43 -7.67
CA PHE E 113 -36.63 -11.55 -8.53
C PHE E 113 -35.66 -12.72 -8.39
N ILE E 114 -34.35 -12.46 -8.31
CA ILE E 114 -33.38 -13.54 -8.19
C ILE E 114 -33.60 -14.30 -6.86
N MET E 115 -33.75 -13.58 -5.76
CA MET E 115 -34.11 -14.17 -4.47
C MET E 115 -35.43 -14.96 -4.51
N ASP E 116 -36.45 -14.42 -5.18
CA ASP E 116 -37.75 -15.10 -5.30
C ASP E 116 -37.65 -16.41 -6.06
N TYR E 117 -36.92 -16.37 -7.16
CA TYR E 117 -36.86 -17.49 -8.10
C TYR E 117 -35.93 -18.54 -7.51
N LEU E 118 -34.88 -18.10 -6.84
CA LEU E 118 -34.01 -19.00 -6.09
C LEU E 118 -34.86 -19.86 -5.14
N LYS E 119 -35.82 -19.23 -4.45
CA LYS E 119 -36.60 -19.92 -3.42
C LYS E 119 -37.64 -20.91 -3.96
N THR E 120 -38.30 -20.58 -5.08
CA THR E 120 -39.25 -21.53 -5.70
C THR E 120 -38.47 -22.66 -6.35
N ARG E 121 -37.39 -22.32 -7.01
CA ARG E 121 -36.52 -23.31 -7.61
C ARG E 121 -35.88 -24.23 -6.53
N ALA E 122 -35.58 -23.65 -5.37
CA ALA E 122 -34.97 -24.37 -4.24
C ALA E 122 -33.97 -25.46 -4.67
N PRO E 123 -32.88 -25.06 -5.32
CA PRO E 123 -31.90 -26.03 -5.82
C PRO E 123 -30.89 -26.49 -4.74
N PHE E 124 -31.37 -26.67 -3.53
CA PHE E 124 -30.60 -27.29 -2.46
C PHE E 124 -31.42 -28.45 -1.89
N TRP E 125 -31.02 -28.95 -0.72
CA TRP E 125 -31.78 -29.98 0.00
C TRP E 125 -31.36 -30.01 1.47
N LYS E 126 -32.26 -30.47 2.33
CA LYS E 126 -32.08 -30.40 3.79
C LYS E 126 -32.25 -31.77 4.45
N ALA F 2 -33.24 0.17 17.41
CA ALA F 2 -32.25 -0.02 16.32
C ALA F 2 -31.78 1.33 15.75
N GLU F 3 -30.47 1.48 15.59
CA GLU F 3 -29.89 2.78 15.25
C GLU F 3 -30.02 3.16 13.77
N THR F 4 -29.97 4.47 13.52
CA THR F 4 -29.86 5.03 12.19
C THR F 4 -28.58 5.85 12.07
N LYS F 5 -27.82 5.60 11.01
CA LYS F 5 -26.59 6.31 10.71
C LYS F 5 -26.81 7.20 9.49
N ILE F 6 -26.73 8.53 9.70
CA ILE F 6 -26.85 9.51 8.61
C ILE F 6 -25.57 10.33 8.52
N VAL F 7 -24.93 10.30 7.36
CA VAL F 7 -23.66 11.02 7.14
C VAL F 7 -23.70 11.72 5.76
N VAL F 8 -23.41 13.01 5.74
CA VAL F 8 -23.25 13.77 4.49
C VAL F 8 -21.90 14.49 4.55
N GLY F 9 -21.07 14.29 3.53
CA GLY F 9 -19.72 14.85 3.52
C GLY F 9 -18.97 14.56 2.22
N PRO F 10 -17.84 15.25 1.99
CA PRO F 10 -17.07 15.08 0.75
C PRO F 10 -16.22 13.82 0.71
N GLN F 11 -15.90 13.21 1.86
CA GLN F 11 -15.03 12.04 1.91
C GLN F 11 -15.67 10.85 1.19
N PRO F 12 -14.87 10.10 0.45
CA PRO F 12 -15.30 8.80 -0.08
C PRO F 12 -15.76 7.89 1.04
N PHE F 13 -16.79 7.09 0.78
CA PHE F 13 -17.15 5.98 1.66
C PHE F 13 -16.72 4.70 1.01
N SER F 14 -16.76 3.63 1.78
CA SER F 14 -16.46 2.30 1.29
C SER F 14 -17.56 1.38 1.79
N VAL F 15 -18.12 0.59 0.88
CA VAL F 15 -19.18 -0.32 1.26
C VAL F 15 -18.66 -1.40 2.23
N GLY F 16 -17.40 -1.81 2.06
CA GLY F 16 -16.76 -2.75 2.98
C GLY F 16 -16.58 -2.22 4.40
N GLU F 17 -16.44 -0.91 4.59
CA GLU F 17 -16.42 -0.32 5.93
C GLU F 17 -17.84 -0.16 6.55
N GLU F 18 -18.86 0.08 5.74
CA GLU F 18 -20.21 0.35 6.26
C GLU F 18 -20.99 -0.92 6.51
N TYR F 19 -20.73 -1.95 5.72
CA TYR F 19 -21.56 -3.13 5.72
C TYR F 19 -21.51 -3.90 7.04
N PRO F 20 -20.32 -4.14 7.61
CA PRO F 20 -20.24 -4.91 8.85
C PRO F 20 -21.16 -4.37 9.95
N TRP F 21 -21.12 -3.08 10.25
CA TRP F 21 -22.03 -2.50 11.22
C TRP F 21 -23.51 -2.72 10.81
N LEU F 22 -23.82 -2.42 9.55
CA LEU F 22 -25.18 -2.56 9.05
C LEU F 22 -25.76 -3.98 9.29
N ALA F 23 -24.94 -5.01 9.07
CA ALA F 23 -25.38 -6.40 9.11
C ALA F 23 -25.06 -7.17 10.40
N GLU F 24 -24.66 -6.45 11.45
CA GLU F 24 -24.13 -7.09 12.68
C GLU F 24 -25.16 -7.89 13.48
N ARG F 25 -26.32 -7.28 13.69
CA ARG F 25 -27.34 -7.84 14.59
C ARG F 25 -28.03 -9.07 14.01
N ASP F 26 -28.08 -10.15 14.79
CA ASP F 26 -28.69 -11.41 14.35
C ASP F 26 -30.19 -11.28 14.07
N GLU F 27 -30.87 -10.36 14.75
CA GLU F 27 -32.31 -10.17 14.52
C GLU F 27 -32.57 -9.59 13.12
N ASP F 28 -31.58 -8.88 12.56
CA ASP F 28 -31.66 -8.31 11.21
C ASP F 28 -31.24 -9.28 10.13
N GLY F 29 -32.12 -10.25 9.84
CA GLY F 29 -31.77 -11.36 8.97
C GLY F 29 -31.74 -11.08 7.48
N ALA F 30 -32.25 -9.93 7.05
CA ALA F 30 -32.25 -9.57 5.63
C ALA F 30 -31.65 -8.19 5.47
N VAL F 31 -30.64 -8.07 4.61
CA VAL F 31 -29.88 -6.83 4.46
C VAL F 31 -29.87 -6.42 2.99
N VAL F 32 -30.39 -5.22 2.71
CA VAL F 32 -30.38 -4.67 1.37
C VAL F 32 -29.52 -3.42 1.29
N THR F 33 -28.65 -3.34 0.28
CA THR F 33 -27.96 -2.08 -0.03
C THR F 33 -28.24 -1.60 -1.43
N PHE F 34 -28.19 -0.27 -1.57
CA PHE F 34 -28.11 0.41 -2.84
C PHE F 34 -26.93 1.37 -2.83
N THR F 35 -26.10 1.30 -3.86
CA THR F 35 -25.08 2.31 -4.09
C THR F 35 -25.34 2.96 -5.47
N GLY F 36 -25.44 4.29 -5.48
CA GLY F 36 -25.60 5.02 -6.73
C GLY F 36 -24.33 5.78 -7.06
N LYS F 37 -24.01 5.83 -8.34
CA LYS F 37 -22.78 6.41 -8.83
C LYS F 37 -23.08 7.57 -9.76
N VAL F 38 -22.11 8.46 -9.94
CA VAL F 38 -22.18 9.52 -10.94
C VAL F 38 -22.17 8.86 -12.30
N ARG F 39 -23.20 9.11 -13.10
CA ARG F 39 -23.35 8.40 -14.37
C ARG F 39 -22.36 8.97 -15.38
N ASN F 40 -22.09 8.22 -16.44
CA ASN F 40 -21.19 8.66 -17.52
C ASN F 40 -21.57 10.05 -18.10
N ASN F 48 -15.19 16.47 -17.56
CA ASN F 48 -15.88 17.42 -16.69
C ASN F 48 -16.55 16.76 -15.47
N ALA F 49 -16.40 17.40 -14.31
CA ALA F 49 -16.97 16.93 -13.04
C ALA F 49 -18.23 17.73 -12.66
N LEU F 50 -18.90 17.31 -11.59
CA LEU F 50 -20.01 18.05 -10.99
C LEU F 50 -19.75 18.37 -9.52
N THR F 51 -20.01 19.61 -9.11
CA THR F 51 -19.88 19.99 -7.71
C THR F 51 -21.22 20.05 -6.97
N LEU F 52 -21.52 18.97 -6.23
CA LEU F 52 -22.68 18.90 -5.36
C LEU F 52 -22.47 19.61 -4.02
N GLU F 53 -23.48 20.37 -3.62
CA GLU F 53 -23.48 21.05 -2.34
C GLU F 53 -24.73 20.64 -1.55
N HIS F 54 -24.61 20.71 -0.24
CA HIS F 54 -25.74 20.45 0.65
C HIS F 54 -26.07 21.72 1.46
N TYR F 55 -27.22 21.71 2.13
CA TYR F 55 -27.59 22.71 3.11
C TYR F 55 -27.27 22.18 4.50
N PRO F 56 -26.14 22.59 5.08
CA PRO F 56 -25.68 22.08 6.40
C PRO F 56 -26.75 21.91 7.47
N GLY F 57 -26.89 20.68 7.97
CA GLY F 57 -27.81 20.35 9.05
C GLY F 57 -29.20 19.96 8.61
N MET F 58 -29.71 20.66 7.60
CA MET F 58 -31.10 20.46 7.18
C MET F 58 -31.26 19.39 6.11
N THR F 59 -30.22 19.05 5.35
CA THR F 59 -30.35 17.92 4.44
C THR F 59 -30.15 16.62 5.19
N GLU F 60 -29.31 16.65 6.22
CA GLU F 60 -29.25 15.54 7.18
C GLU F 60 -30.61 15.32 7.86
N LYS F 61 -31.26 16.39 8.28
CA LYS F 61 -32.56 16.30 8.93
C LYS F 61 -33.59 15.66 7.98
N ALA F 62 -33.53 16.03 6.70
CA ALA F 62 -34.45 15.51 5.71
C ALA F 62 -34.24 14.01 5.50
N LEU F 63 -32.99 13.57 5.54
CA LEU F 63 -32.69 12.17 5.35
C LEU F 63 -33.22 11.38 6.54
N ALA F 64 -33.09 11.96 7.73
CA ALA F 64 -33.52 11.30 8.96
C ALA F 64 -35.02 11.15 8.99
N GLU F 65 -35.70 12.14 8.42
CA GLU F 65 -37.16 12.16 8.34
C GLU F 65 -37.66 11.15 7.32
N ILE F 66 -36.94 11.01 6.21
CA ILE F 66 -37.24 9.98 5.24
C ILE F 66 -37.11 8.61 5.90
N VAL F 67 -36.03 8.43 6.66
CA VAL F 67 -35.78 7.17 7.34
C VAL F 67 -36.87 6.89 8.38
N ASP F 68 -37.30 7.91 9.13
CA ASP F 68 -38.33 7.74 10.16
C ASP F 68 -39.63 7.29 9.52
N GLU F 69 -39.96 7.91 8.40
CA GLU F 69 -41.14 7.53 7.62
C GLU F 69 -41.05 6.09 7.12
N ALA F 70 -39.85 5.61 6.78
CA ALA F 70 -39.69 4.22 6.34
C ALA F 70 -39.96 3.31 7.53
N ARG F 71 -39.52 3.74 8.71
CA ARG F 71 -39.71 2.97 9.93
C ARG F 71 -41.19 2.87 10.32
N ASN F 72 -41.98 3.87 9.92
CA ASN F 72 -43.43 3.84 10.14
C ASN F 72 -44.15 2.89 9.18
N ARG F 73 -43.52 2.46 8.09
CA ARG F 73 -44.18 1.57 7.13
C ARG F 73 -43.66 0.14 7.10
N TRP F 74 -42.44 -0.06 7.61
CA TRP F 74 -41.79 -1.36 7.60
C TRP F 74 -41.06 -1.62 8.93
N PRO F 75 -41.00 -2.89 9.34
CA PRO F 75 -40.22 -3.28 10.52
C PRO F 75 -38.76 -3.36 10.15
N LEU F 76 -38.08 -2.25 10.33
CA LEU F 76 -36.66 -2.12 10.02
C LEU F 76 -35.79 -2.20 11.28
N GLY F 77 -34.56 -2.67 11.08
CA GLY F 77 -33.54 -2.69 12.10
C GLY F 77 -32.59 -1.55 11.83
N ARG F 78 -31.28 -1.82 11.79
CA ARG F 78 -30.30 -0.77 11.47
C ARG F 78 -30.45 -0.28 10.04
N VAL F 79 -30.20 1.02 9.87
CA VAL F 79 -30.28 1.67 8.57
C VAL F 79 -29.11 2.64 8.44
N THR F 80 -28.55 2.74 7.23
CA THR F 80 -27.44 3.66 6.96
C THR F 80 -27.76 4.46 5.71
N VAL F 81 -27.65 5.78 5.81
CA VAL F 81 -27.73 6.66 4.65
C VAL F 81 -26.52 7.60 4.58
N ILE F 82 -25.73 7.43 3.54
CA ILE F 82 -24.53 8.24 3.31
C ILE F 82 -24.68 8.96 1.99
N HIS F 83 -24.53 10.28 1.98
CA HIS F 83 -24.49 10.99 0.72
C HIS F 83 -23.24 11.89 0.63
N ARG F 84 -22.44 11.64 -0.38
CA ARG F 84 -21.29 12.45 -0.70
C ARG F 84 -21.69 13.77 -1.37
N ILE F 85 -20.83 14.75 -1.16
CA ILE F 85 -20.94 16.07 -1.75
C ILE F 85 -19.53 16.49 -2.25
N GLY F 86 -19.36 17.74 -2.65
CA GLY F 86 -18.12 18.17 -3.27
C GLY F 86 -17.99 17.81 -4.75
N GLU F 87 -16.75 17.88 -5.27
CA GLU F 87 -16.45 17.57 -6.68
C GLU F 87 -16.41 16.06 -6.91
N LEU F 88 -17.08 15.60 -7.95
CA LEU F 88 -17.30 14.16 -8.20
C LEU F 88 -17.17 13.84 -9.69
N TRP F 89 -16.69 12.65 -10.00
CA TRP F 89 -16.37 12.22 -11.36
C TRP F 89 -17.18 10.97 -11.73
N PRO F 90 -17.35 10.68 -13.02
CA PRO F 90 -17.99 9.43 -13.45
C PRO F 90 -17.39 8.23 -12.74
N GLY F 91 -18.25 7.36 -12.23
CA GLY F 91 -17.79 6.19 -11.51
C GLY F 91 -17.76 6.41 -10.00
N ASP F 92 -17.72 7.64 -9.53
CA ASP F 92 -17.66 7.86 -8.08
C ASP F 92 -18.99 7.46 -7.45
N GLU F 93 -18.90 6.81 -6.32
CA GLU F 93 -20.05 6.40 -5.54
C GLU F 93 -20.47 7.58 -4.72
N ILE F 94 -21.71 8.03 -4.88
CA ILE F 94 -22.15 9.24 -4.22
C ILE F 94 -23.24 9.05 -3.18
N VAL F 95 -23.94 7.92 -3.26
CA VAL F 95 -24.99 7.62 -2.30
C VAL F 95 -24.96 6.14 -1.93
N PHE F 96 -25.10 5.88 -0.65
CA PHE F 96 -25.24 4.53 -0.14
C PHE F 96 -26.46 4.51 0.76
N VAL F 97 -27.36 3.55 0.52
CA VAL F 97 -28.51 3.33 1.38
C VAL F 97 -28.50 1.86 1.80
N GLY F 98 -28.41 1.64 3.11
CA GLY F 98 -28.41 0.31 3.70
C GLY F 98 -29.60 0.13 4.61
N VAL F 99 -30.34 -0.96 4.42
CA VAL F 99 -31.56 -1.20 5.18
C VAL F 99 -31.61 -2.64 5.63
N THR F 100 -31.98 -2.88 6.87
CA THR F 100 -32.19 -4.23 7.38
C THR F 100 -33.62 -4.47 7.88
N SER F 101 -34.01 -5.73 7.84
CA SER F 101 -35.32 -6.16 8.34
C SER F 101 -35.28 -7.66 8.61
N ALA F 102 -36.18 -8.15 9.45
CA ALA F 102 -36.39 -9.59 9.55
C ALA F 102 -37.03 -10.17 8.26
N HIS F 103 -37.64 -9.32 7.46
CA HIS F 103 -38.43 -9.73 6.30
C HIS F 103 -37.79 -9.19 5.00
N ARG F 104 -37.47 -10.09 4.08
CA ARG F 104 -36.82 -9.72 2.81
C ARG F 104 -37.59 -8.68 2.00
N SER F 105 -38.87 -8.89 1.80
CA SER F 105 -39.71 -7.94 1.05
C SER F 105 -39.72 -6.53 1.69
N SER F 106 -39.73 -6.44 3.02
CA SER F 106 -39.69 -5.12 3.68
C SER F 106 -38.37 -4.35 3.48
N ALA F 107 -37.25 -5.07 3.55
CA ALA F 107 -35.96 -4.48 3.26
C ALA F 107 -35.89 -3.93 1.85
N PHE F 108 -36.38 -4.68 0.87
CA PHE F 108 -36.28 -4.23 -0.53
C PHE F 108 -37.18 -3.01 -0.73
N GLU F 109 -38.36 -3.02 -0.09
CA GLU F 109 -39.35 -1.96 -0.27
C GLU F 109 -38.88 -0.68 0.41
N ALA F 110 -38.42 -0.79 1.65
CA ALA F 110 -37.91 0.36 2.40
C ALA F 110 -36.70 0.99 1.67
N GLY F 111 -35.84 0.14 1.13
CA GLY F 111 -34.69 0.57 0.37
C GLY F 111 -35.06 1.43 -0.84
N GLN F 112 -36.04 0.96 -1.60
CA GLN F 112 -36.54 1.73 -2.74
C GLN F 112 -37.27 2.99 -2.32
N PHE F 113 -38.03 2.90 -1.22
CA PHE F 113 -38.78 4.04 -0.72
C PHE F 113 -37.77 5.13 -0.33
N ILE F 114 -36.72 4.76 0.38
CA ILE F 114 -35.73 5.72 0.87
C ILE F 114 -35.01 6.41 -0.29
N MET F 115 -34.60 5.63 -1.30
CA MET F 115 -33.99 6.19 -2.51
C MET F 115 -34.94 7.08 -3.33
N ASP F 116 -36.20 6.69 -3.49
CA ASP F 116 -37.16 7.52 -4.20
C ASP F 116 -37.34 8.89 -3.52
N TYR F 117 -37.42 8.90 -2.19
CA TYR F 117 -37.66 10.15 -1.48
C TYR F 117 -36.40 11.01 -1.33
N LEU F 118 -35.25 10.38 -1.29
CA LEU F 118 -34.04 11.16 -1.18
C LEU F 118 -33.72 11.82 -2.52
N LYS F 119 -34.00 11.12 -3.62
CA LYS F 119 -33.76 11.65 -4.97
C LYS F 119 -34.69 12.80 -5.34
N THR F 120 -35.89 12.83 -4.78
CA THR F 120 -36.86 13.87 -5.11
C THR F 120 -36.99 14.98 -4.04
N ARG F 121 -36.79 14.64 -2.76
CA ARG F 121 -37.06 15.56 -1.64
C ARG F 121 -35.83 15.98 -0.84
N ALA F 122 -34.75 15.21 -0.86
CA ALA F 122 -33.55 15.61 -0.14
C ALA F 122 -32.92 16.80 -0.87
N PRO F 123 -32.78 17.93 -0.20
CA PRO F 123 -32.29 19.14 -0.84
C PRO F 123 -30.77 19.17 -1.00
N PHE F 124 -30.34 19.26 -2.25
CA PHE F 124 -28.97 19.61 -2.60
C PHE F 124 -29.01 20.77 -3.62
N TRP F 125 -27.85 21.33 -3.96
CA TRP F 125 -27.74 22.31 -5.04
C TRP F 125 -26.39 22.18 -5.79
N LYS F 126 -26.40 22.43 -7.10
CA LYS F 126 -25.23 22.23 -7.96
C LYS F 126 -24.47 23.53 -8.26
N ARG F 127 -23.24 23.37 -8.76
CA ARG F 127 -22.46 24.46 -9.35
C ARG F 127 -21.31 23.92 -10.20
#